data_7EYC
#
_entry.id   7EYC
#
_cell.length_a   76.599
_cell.length_b   83.862
_cell.length_c   134.371
_cell.angle_alpha   90.000
_cell.angle_beta   90.000
_cell.angle_gamma   90.000
#
_symmetry.space_group_name_H-M   'P 21 21 21'
#
loop_
_entity.id
_entity.type
_entity.pdbx_description
1 polymer 'antibody, light chain'
2 polymer 'antibody, Heavy chain'
3 polymer 'ACETYLATED TAU PEPTIDE'
4 water water
#
loop_
_entity_poly.entity_id
_entity_poly.type
_entity_poly.pdbx_seq_one_letter_code
_entity_poly.pdbx_strand_id
1 'polypeptide(L)'
;DVVMTQTPLSLPVTLGQPASISCKSSQSLLDSDGKTYLNWFQQRPGQSPKRLISLVSKLDSGVPDRFSGSGSGTDFTLKI
SRVEAEDVGVYYCWQGSHFPYTFGQGTKLEIKRTVAAPSVFIFPPSDEQLKSGTASVVCLLNNFYPREAKVQWKVDNALQ
SGNSQESVTEQDSKDSTYSLSSTLTLSKADYEKHKVYACEVTHQGLSSPVTKSFNRG
;
L,B
2 'polypeptide(L)'
;QVQLQESGPGLVKPSQTLSLTCTVSGDSITSGYWNWIRQPPGKGLEYIGYIRYSGRTYYNPSLKSRVTISRDTSKNQFSL
KLSSVTAADTAVYYCASVYFTYWGQGTLVTVSSASTKGPSVFPLAPSSKSTSGGTAALGCLVKDYFPEPVTVSWNSGALT
SGVHTFPAVLQSSGLYSLSSVVTVPSSSLGTETYICNVNHKPSNTKVDKKVEAA
;
H,A
3 'polypeptide(L)' IIN(ALY)KLDL P,Q
#
# COMPACT_ATOMS: atom_id res chain seq x y z
N ASP A 1 31.49 -6.26 6.31
CA ASP A 1 30.52 -5.38 6.95
C ASP A 1 30.10 -5.92 8.32
N VAL A 2 29.11 -5.29 8.95
CA VAL A 2 28.58 -5.82 10.21
C VAL A 2 27.71 -7.04 9.92
N VAL A 3 28.02 -8.16 10.59
CA VAL A 3 27.34 -9.45 10.39
C VAL A 3 26.21 -9.63 11.41
N MET A 4 25.06 -10.06 10.92
CA MET A 4 23.86 -10.35 11.70
C MET A 4 23.63 -11.85 11.65
N THR A 5 23.38 -12.47 12.81
CA THR A 5 23.17 -13.91 12.90
C THR A 5 21.96 -14.18 13.79
N GLN A 6 21.06 -15.02 13.32
CA GLN A 6 19.78 -15.29 13.96
C GLN A 6 19.75 -16.72 14.47
N THR A 7 18.95 -16.97 15.52
CA THR A 7 18.79 -18.33 16.05
C THR A 7 17.42 -18.55 16.70
N PRO A 8 16.78 -19.70 16.45
CA PRO A 8 17.24 -20.66 15.45
C PRO A 8 16.96 -20.13 14.06
N LEU A 9 17.42 -20.82 13.03
CA LEU A 9 17.01 -20.45 11.68
C LEU A 9 15.64 -21.02 11.36
N SER A 10 15.19 -22.02 12.11
CA SER A 10 13.90 -22.66 11.91
C SER A 10 13.24 -22.78 13.27
N LEU A 11 11.98 -22.35 13.36
CA LEU A 11 11.27 -22.23 14.63
C LEU A 11 9.84 -22.72 14.47
N PRO A 12 9.57 -23.98 14.82
CA PRO A 12 8.19 -24.48 14.86
C PRO A 12 7.54 -24.10 16.17
N VAL A 13 6.35 -23.52 16.09
CA VAL A 13 5.67 -22.99 17.27
C VAL A 13 4.22 -23.38 17.21
N THR A 14 3.72 -23.97 18.30
CA THR A 14 2.29 -24.27 18.40
C THR A 14 1.48 -22.99 18.50
N LEU A 15 0.38 -22.96 17.74
CA LEU A 15 -0.56 -21.85 17.78
C LEU A 15 -0.97 -21.55 19.22
N GLY A 16 -0.82 -20.29 19.63
CA GLY A 16 -1.16 -19.86 20.97
C GLY A 16 -0.01 -19.86 21.96
N GLN A 17 1.09 -20.53 21.65
CA GLN A 17 2.28 -20.57 22.48
C GLN A 17 3.15 -19.35 22.20
N PRO A 18 4.10 -19.06 23.08
CA PRO A 18 5.04 -17.97 22.80
C PRO A 18 6.16 -18.41 21.88
N ALA A 19 6.86 -17.41 21.32
CA ALA A 19 7.98 -17.69 20.42
C ALA A 19 9.04 -16.61 20.61
N SER A 20 10.30 -17.03 20.50
CA SER A 20 11.45 -16.17 20.68
C SER A 20 12.46 -16.38 19.55
N ILE A 21 13.01 -15.28 19.06
CA ILE A 21 14.07 -15.32 18.06
C ILE A 21 15.22 -14.44 18.55
N SER A 22 16.42 -14.98 18.56
CA SER A 22 17.56 -14.20 19.00
C SER A 22 18.36 -13.74 17.79
N CYS A 23 18.87 -12.51 17.89
CA CYS A 23 19.71 -11.89 16.88
C CYS A 23 20.94 -11.35 17.57
N LYS A 24 22.11 -11.59 16.99
CA LYS A 24 23.35 -11.06 17.52
C LYS A 24 24.12 -10.41 16.37
N SER A 25 24.73 -9.26 16.66
CA SER A 25 25.54 -8.53 15.70
C SER A 25 27.01 -8.54 16.10
N SER A 26 27.89 -8.49 15.11
CA SER A 26 29.34 -8.55 15.30
C SER A 26 29.92 -7.24 15.81
N GLN A 27 29.11 -6.21 15.95
CA GLN A 27 29.53 -4.91 16.42
C GLN A 27 28.38 -4.30 17.19
N SER A 28 28.72 -3.37 18.08
CA SER A 28 27.68 -2.59 18.73
C SER A 28 26.93 -1.77 17.70
N LEU A 29 25.63 -1.66 17.90
CA LEU A 29 24.74 -0.86 17.07
C LEU A 29 24.31 0.40 17.79
N LEU A 30 24.83 0.64 19.00
CA LEU A 30 24.49 1.86 19.72
C LEU A 30 25.32 2.99 19.12
N ASP A 31 24.65 3.93 18.48
CA ASP A 31 25.35 5.03 17.85
C ASP A 31 25.57 6.17 18.86
N SER A 32 26.54 7.04 18.55
CA SER A 32 26.84 8.14 19.48
C SER A 32 25.68 9.10 19.66
N ASP A 33 24.71 9.10 18.72
CA ASP A 33 23.51 9.91 18.86
C ASP A 33 22.48 9.31 19.82
N GLY A 34 22.81 8.24 20.52
CA GLY A 34 21.93 7.68 21.51
C GLY A 34 20.95 6.65 20.99
N LYS A 35 20.91 6.42 19.69
CA LYS A 35 19.94 5.51 19.12
C LYS A 35 20.58 4.18 18.73
N THR A 36 19.78 3.13 18.75
CA THR A 36 20.23 1.79 18.39
C THR A 36 19.40 1.31 17.20
N TYR A 37 20.03 1.19 16.04
CA TYR A 37 19.31 0.90 14.79
C TYR A 37 19.32 -0.60 14.50
N LEU A 38 18.76 -1.36 15.44
CA LEU A 38 18.43 -2.76 15.24
C LEU A 38 16.92 -2.85 14.97
N ASN A 39 16.56 -3.56 13.90
CA ASN A 39 15.20 -3.57 13.37
C ASN A 39 14.84 -4.99 12.99
N TRP A 40 13.53 -5.23 12.81
CA TRP A 40 13.05 -6.54 12.39
C TRP A 40 12.04 -6.41 11.27
N PHE A 41 12.20 -7.25 10.26
CA PHE A 41 11.26 -7.45 9.18
C PHE A 41 10.45 -8.71 9.38
N GLN A 42 9.23 -8.71 8.87
CA GLN A 42 8.44 -9.92 8.70
C GLN A 42 8.15 -10.10 7.21
N GLN A 43 8.49 -11.26 6.67
CA GLN A 43 8.22 -11.58 5.29
C GLN A 43 7.18 -12.66 5.31
N ARG A 44 5.94 -12.28 5.06
CA ARG A 44 4.87 -13.25 4.94
C ARG A 44 5.07 -14.05 3.65
N PRO A 45 4.65 -15.31 3.62
CA PRO A 45 4.82 -16.14 2.41
C PRO A 45 4.29 -15.45 1.15
N GLY A 46 5.13 -15.40 0.12
CA GLY A 46 4.75 -14.79 -1.14
C GLY A 46 4.69 -13.27 -1.14
N GLN A 47 5.28 -12.62 -0.15
CA GLN A 47 5.24 -11.18 -0.09
C GLN A 47 6.63 -10.62 0.14
N SER A 48 6.75 -9.33 0.02
CA SER A 48 8.02 -8.71 0.32
C SER A 48 8.14 -8.54 1.84
N PRO A 49 9.34 -8.34 2.34
CA PRO A 49 9.49 -7.98 3.76
C PRO A 49 8.71 -6.71 4.10
N LYS A 50 8.32 -6.61 5.36
CA LYS A 50 7.59 -5.47 5.88
C LYS A 50 8.19 -5.09 7.22
N ARG A 51 8.16 -3.79 7.53
CA ARG A 51 8.67 -3.33 8.82
C ARG A 51 7.87 -3.96 9.96
N LEU A 52 8.57 -4.51 10.94
CA LEU A 52 7.90 -5.10 12.09
C LEU A 52 8.25 -4.34 13.36
N ILE A 53 9.55 -4.23 13.67
CA ILE A 53 10.04 -3.54 14.85
C ILE A 53 11.16 -2.61 14.44
N SER A 54 11.14 -1.39 14.95
CA SER A 54 12.22 -0.45 14.75
C SER A 54 12.85 -0.13 16.09
N LEU A 55 14.17 0.12 16.05
CA LEU A 55 14.93 0.55 17.22
C LEU A 55 14.69 -0.39 18.40
N VAL A 56 14.93 -1.69 18.16
CA VAL A 56 14.94 -2.72 19.21
C VAL A 56 13.54 -3.05 19.70
N SER A 57 12.76 -2.05 20.09
CA SER A 57 11.51 -2.37 20.75
C SER A 57 10.30 -1.54 20.30
N LYS A 58 10.46 -0.57 19.40
CA LYS A 58 9.28 0.19 18.99
C LYS A 58 8.53 -0.58 17.89
N LEU A 59 7.29 -0.93 18.18
CA LEU A 59 6.47 -1.64 17.20
C LEU A 59 6.09 -0.71 16.07
N ASP A 60 6.32 -1.14 14.85
CA ASP A 60 5.97 -0.32 13.70
C ASP A 60 4.46 -0.35 13.47
N SER A 61 3.97 0.52 12.59
CA SER A 61 2.52 0.73 12.51
C SER A 61 1.80 -0.52 12.00
N GLY A 62 0.61 -0.78 12.55
CA GLY A 62 -0.17 -1.95 12.21
C GLY A 62 0.28 -3.24 12.83
N VAL A 63 1.30 -3.23 13.69
CA VAL A 63 1.86 -4.43 14.30
C VAL A 63 1.15 -4.73 15.62
N PRO A 64 0.60 -5.94 15.80
CA PRO A 64 -0.07 -6.28 17.07
C PRO A 64 0.89 -6.31 18.26
N ASP A 65 0.34 -5.97 19.44
CA ASP A 65 1.17 -5.87 20.64
C ASP A 65 1.59 -7.22 21.19
N ARG A 66 1.18 -8.33 20.58
CA ARG A 66 1.76 -9.61 20.92
C ARG A 66 3.26 -9.65 20.63
N PHE A 67 3.77 -8.75 19.77
CA PHE A 67 5.19 -8.70 19.44
C PHE A 67 5.92 -7.82 20.45
N SER A 68 7.16 -8.23 20.79
CA SER A 68 8.03 -7.43 21.64
C SER A 68 9.45 -7.56 21.12
N GLY A 69 10.29 -6.59 21.46
CA GLY A 69 11.68 -6.63 21.09
C GLY A 69 12.54 -6.15 22.24
N SER A 70 13.78 -6.66 22.29
CA SER A 70 14.64 -6.41 23.44
C SER A 70 16.10 -6.62 23.06
N GLY A 71 16.91 -6.02 23.92
CA GLY A 71 18.34 -6.19 23.91
C GLY A 71 19.13 -4.92 23.92
N SER A 72 20.44 -5.05 24.02
CA SER A 72 21.32 -3.86 23.98
C SER A 72 22.69 -4.22 23.40
N GLY A 73 23.22 -3.33 22.58
CA GLY A 73 24.57 -3.43 22.04
C GLY A 73 24.81 -4.53 21.03
N THR A 74 24.66 -5.80 21.40
CA THR A 74 25.04 -6.88 20.47
C THR A 74 24.10 -8.06 20.59
N ASP A 75 23.18 -8.04 21.53
CA ASP A 75 22.33 -9.22 21.73
C ASP A 75 20.87 -8.80 21.70
N PHE A 76 20.09 -9.41 20.82
CA PHE A 76 18.75 -8.91 20.57
C PHE A 76 17.75 -10.06 20.51
N THR A 77 16.51 -9.76 20.90
CA THR A 77 15.46 -10.76 20.94
C THR A 77 14.18 -10.21 20.36
N LEU A 78 13.57 -10.98 19.47
CA LEU A 78 12.19 -10.80 19.04
C LEU A 78 11.32 -11.78 19.80
N LYS A 79 10.18 -11.28 20.29
CA LYS A 79 9.26 -12.08 21.09
C LYS A 79 7.85 -11.95 20.54
N ILE A 80 7.13 -13.08 20.52
CA ILE A 80 5.70 -13.11 20.23
C ILE A 80 5.04 -13.78 21.43
N SER A 81 4.20 -13.01 22.15
CA SER A 81 3.63 -13.50 23.40
C SER A 81 2.71 -14.69 23.17
N ARG A 82 1.85 -14.61 22.14
CA ARG A 82 1.00 -15.73 21.73
C ARG A 82 0.99 -15.76 20.20
N VAL A 83 1.51 -16.85 19.64
CA VAL A 83 1.67 -16.93 18.20
C VAL A 83 0.32 -17.16 17.54
N GLU A 84 -0.01 -16.35 16.56
CA GLU A 84 -1.23 -16.51 15.79
C GLU A 84 -0.90 -16.82 14.35
N ALA A 85 -1.93 -17.19 13.59
CA ALA A 85 -1.72 -17.69 12.23
C ALA A 85 -1.06 -16.64 11.32
N GLU A 86 -1.39 -15.36 11.49
CA GLU A 86 -0.82 -14.31 10.66
C GLU A 86 0.69 -14.18 10.82
N ASP A 87 1.28 -14.84 11.83
CA ASP A 87 2.70 -14.70 12.10
C ASP A 87 3.54 -15.60 11.22
N VAL A 88 2.91 -16.47 10.42
CA VAL A 88 3.65 -17.30 9.48
C VAL A 88 4.58 -16.45 8.64
N GLY A 89 5.83 -16.89 8.50
CA GLY A 89 6.73 -16.23 7.59
C GLY A 89 8.18 -16.39 8.01
N VAL A 90 9.03 -15.57 7.39
CA VAL A 90 10.44 -15.47 7.73
C VAL A 90 10.64 -14.13 8.42
N TYR A 91 11.44 -14.13 9.50
CA TYR A 91 11.76 -12.93 10.25
C TYR A 91 13.23 -12.63 10.13
N TYR A 92 13.55 -11.40 9.75
CA TYR A 92 14.92 -10.96 9.55
C TYR A 92 15.21 -9.84 10.55
N CYS A 93 16.32 -9.95 11.24
CA CYS A 93 16.84 -8.78 11.92
C CYS A 93 17.80 -8.05 10.98
N TRP A 94 17.81 -6.74 11.10
CA TRP A 94 18.75 -5.97 10.31
C TRP A 94 19.21 -4.75 11.08
N GLN A 95 20.21 -4.09 10.51
CA GLN A 95 21.10 -3.18 11.19
C GLN A 95 21.24 -1.94 10.33
N GLY A 96 21.03 -0.76 10.91
CA GLY A 96 21.10 0.46 10.13
C GLY A 96 21.98 1.53 10.74
N SER A 97 22.91 1.12 11.57
CA SER A 97 23.81 2.08 12.18
C SER A 97 25.19 2.08 11.53
N HIS A 98 25.43 1.16 10.59
CA HIS A 98 26.68 1.07 9.86
C HIS A 98 26.41 0.81 8.37
N PHE A 99 27.19 1.47 7.53
CA PHE A 99 26.99 1.19 6.10
C PHE A 99 27.98 0.14 5.62
N PRO A 100 27.55 -0.84 4.82
CA PRO A 100 26.16 -0.99 4.35
C PRO A 100 25.24 -1.60 5.41
N TYR A 101 23.94 -1.31 5.26
CA TYR A 101 22.94 -2.02 6.03
C TYR A 101 23.09 -3.51 5.80
N THR A 102 22.97 -4.29 6.87
CA THR A 102 23.12 -5.74 6.75
C THR A 102 21.98 -6.47 7.47
N PHE A 103 21.69 -7.68 6.98
CA PHE A 103 20.50 -8.44 7.31
C PHE A 103 20.87 -9.84 7.78
N GLY A 104 20.09 -10.37 8.73
CA GLY A 104 20.25 -11.74 9.16
C GLY A 104 19.85 -12.74 8.08
N GLN A 105 20.20 -14.01 8.33
CA GLN A 105 19.81 -15.09 7.42
C GLN A 105 18.30 -15.23 7.34
N GLY A 106 17.58 -14.76 8.35
CA GLY A 106 16.17 -14.99 8.45
C GLY A 106 15.89 -16.27 9.22
N THR A 107 14.86 -16.22 10.07
CA THR A 107 14.37 -17.39 10.78
C THR A 107 12.99 -17.73 10.24
N LYS A 108 12.80 -18.98 9.82
CA LYS A 108 11.49 -19.37 9.30
C LYS A 108 10.63 -19.85 10.45
N LEU A 109 9.56 -19.11 10.71
CA LEU A 109 8.61 -19.49 11.75
C LEU A 109 7.52 -20.33 11.08
N GLU A 110 7.46 -21.60 11.43
CA GLU A 110 6.41 -22.50 10.98
C GLU A 110 5.43 -22.71 12.12
N ILE A 111 4.16 -22.80 11.78
CA ILE A 111 3.09 -22.82 12.77
C ILE A 111 2.54 -24.22 12.92
N LYS A 112 2.43 -24.67 14.16
CA LYS A 112 1.74 -25.91 14.49
C LYS A 112 0.31 -25.57 14.86
N ARG A 113 -0.64 -26.10 14.08
CA ARG A 113 -2.06 -25.85 14.21
C ARG A 113 -2.78 -27.16 14.42
N THR A 114 -4.10 -27.11 14.38
CA THR A 114 -4.89 -28.33 14.54
C THR A 114 -4.62 -29.30 13.40
N VAL A 115 -4.58 -30.60 13.72
CA VAL A 115 -4.46 -31.59 12.66
C VAL A 115 -5.75 -31.61 11.86
N ALA A 116 -5.63 -31.61 10.53
CA ALA A 116 -6.77 -31.65 9.64
C ALA A 116 -6.38 -32.44 8.40
N ALA A 117 -7.27 -33.31 7.95
CA ALA A 117 -7.10 -34.19 6.81
C ALA A 117 -7.28 -33.44 5.50
N PRO A 118 -6.54 -33.83 4.46
CA PRO A 118 -6.73 -33.20 3.14
C PRO A 118 -8.04 -33.63 2.52
N SER A 119 -8.52 -32.77 1.63
CA SER A 119 -9.47 -33.18 0.60
C SER A 119 -8.66 -33.58 -0.62
N VAL A 120 -8.99 -34.72 -1.21
CA VAL A 120 -8.19 -35.27 -2.31
C VAL A 120 -8.96 -35.17 -3.61
N PHE A 121 -8.29 -34.67 -4.66
CA PHE A 121 -8.83 -34.62 -6.01
C PHE A 121 -7.81 -35.18 -7.00
N ILE A 122 -8.33 -35.76 -8.09
CA ILE A 122 -7.52 -36.34 -9.14
C ILE A 122 -7.98 -35.77 -10.48
N PHE A 123 -7.03 -35.55 -11.37
CA PHE A 123 -7.26 -34.97 -12.69
C PHE A 123 -6.63 -35.83 -13.77
N PRO A 124 -7.39 -36.28 -14.75
CA PRO A 124 -6.79 -36.97 -15.89
C PRO A 124 -6.03 -35.98 -16.77
N PRO A 125 -5.09 -36.46 -17.56
CA PRO A 125 -4.44 -35.57 -18.53
C PRO A 125 -5.46 -35.16 -19.58
N SER A 126 -5.31 -33.92 -20.07
CA SER A 126 -6.15 -33.48 -21.18
C SER A 126 -5.73 -34.18 -22.46
N ASP A 127 -6.70 -34.38 -23.35
CA ASP A 127 -6.41 -34.96 -24.66
C ASP A 127 -5.35 -34.16 -25.41
N GLU A 128 -5.31 -32.84 -25.20
CA GLU A 128 -4.36 -31.98 -25.92
C GLU A 128 -2.92 -32.34 -25.58
N GLN A 129 -2.62 -32.50 -24.27
CA GLN A 129 -1.25 -32.81 -23.88
C GLN A 129 -0.81 -34.15 -24.45
N LEU A 130 -1.73 -35.12 -24.52
CA LEU A 130 -1.37 -36.42 -25.05
C LEU A 130 -0.81 -36.32 -26.45
N LYS A 131 -1.28 -35.34 -27.24
CA LYS A 131 -0.78 -35.18 -28.59
C LYS A 131 0.70 -34.79 -28.60
N SER A 132 1.20 -34.19 -27.53
CA SER A 132 2.61 -33.89 -27.40
C SER A 132 3.46 -35.11 -27.01
N GLY A 133 2.84 -36.24 -26.65
CA GLY A 133 3.57 -37.44 -26.35
C GLY A 133 3.82 -37.73 -24.87
N THR A 134 3.30 -36.91 -23.98
CA THR A 134 3.50 -37.08 -22.56
C THR A 134 2.16 -36.98 -21.85
N ALA A 135 2.06 -37.67 -20.72
CA ALA A 135 0.83 -37.69 -19.93
C ALA A 135 1.16 -37.26 -18.52
N SER A 136 0.45 -36.27 -18.02
CA SER A 136 0.62 -35.83 -16.64
C SER A 136 -0.68 -36.10 -15.93
N VAL A 137 -0.62 -36.87 -14.84
CA VAL A 137 -1.78 -37.17 -14.03
C VAL A 137 -1.56 -36.49 -12.68
N VAL A 138 -2.48 -35.63 -12.30
CA VAL A 138 -2.29 -34.79 -11.12
C VAL A 138 -3.20 -35.27 -10.02
N CYS A 139 -2.65 -35.43 -8.83
CA CYS A 139 -3.42 -35.67 -7.64
C CYS A 139 -3.23 -34.49 -6.70
N LEU A 140 -4.33 -33.95 -6.19
CA LEU A 140 -4.32 -32.74 -5.36
C LEU A 140 -4.77 -33.06 -3.94
N LEU A 141 -3.94 -32.69 -2.96
CA LEU A 141 -4.29 -32.73 -1.54
C LEU A 141 -4.45 -31.30 -1.05
N ASN A 142 -5.66 -31.00 -0.61
CA ASN A 142 -6.03 -29.61 -0.30
C ASN A 142 -6.22 -29.34 1.18
N ASN A 143 -5.66 -28.23 1.63
CA ASN A 143 -5.90 -27.66 2.97
C ASN A 143 -5.71 -28.67 4.10
N PHE A 144 -4.50 -29.12 4.35
CA PHE A 144 -4.34 -30.13 5.40
C PHE A 144 -3.18 -29.79 6.33
N TYR A 145 -3.22 -30.41 7.50
CA TYR A 145 -2.17 -30.23 8.51
C TYR A 145 -2.03 -31.48 9.37
N PRO A 146 -0.63 -31.94 9.51
CA PRO A 146 0.69 -31.40 9.10
C PRO A 146 1.08 -31.68 7.64
N ARG A 147 2.24 -31.13 7.26
CA ARG A 147 2.69 -31.15 5.86
C ARG A 147 3.06 -32.55 5.40
N GLU A 148 3.39 -33.43 6.34
CA GLU A 148 3.75 -34.80 6.01
C GLU A 148 2.54 -35.57 5.49
N ALA A 149 2.73 -36.28 4.38
CA ALA A 149 1.65 -37.03 3.76
C ALA A 149 2.27 -38.06 2.82
N LYS A 150 1.66 -39.23 2.75
CA LYS A 150 2.09 -40.26 1.82
C LYS A 150 1.09 -40.35 0.67
N VAL A 151 1.58 -40.10 -0.54
CA VAL A 151 0.80 -40.21 -1.76
C VAL A 151 1.44 -41.28 -2.64
N GLN A 152 0.69 -42.35 -2.91
CA GLN A 152 1.11 -43.43 -3.79
C GLN A 152 0.26 -43.48 -5.05
N TRP A 153 0.89 -43.73 -6.19
CA TRP A 153 0.15 -43.90 -7.43
C TRP A 153 0.04 -45.38 -7.75
N LYS A 154 -1.14 -45.78 -8.22
CA LYS A 154 -1.39 -47.16 -8.65
C LYS A 154 -2.04 -47.13 -10.02
N VAL A 155 -1.42 -47.82 -10.96
CA VAL A 155 -1.92 -47.93 -12.33
C VAL A 155 -2.37 -49.35 -12.52
N ASP A 156 -3.69 -49.55 -12.60
CA ASP A 156 -4.23 -50.89 -12.70
C ASP A 156 -3.66 -51.77 -11.60
N ASN A 157 -3.67 -51.22 -10.38
CA ASN A 157 -3.19 -51.82 -9.15
C ASN A 157 -1.67 -51.96 -9.06
N ALA A 158 -0.91 -51.44 -10.02
CA ALA A 158 0.54 -51.56 -9.96
C ALA A 158 1.11 -50.33 -9.26
N LEU A 159 1.80 -50.56 -8.15
CA LEU A 159 2.39 -49.46 -7.38
C LEU A 159 3.44 -48.74 -8.23
N GLN A 160 3.28 -47.43 -8.38
CA GLN A 160 4.22 -46.69 -9.19
C GLN A 160 5.44 -46.26 -8.38
N SER A 161 6.60 -46.24 -9.03
CA SER A 161 7.84 -45.84 -8.38
C SER A 161 8.69 -44.96 -9.30
N GLY A 162 9.27 -43.92 -8.73
CA GLY A 162 10.20 -43.05 -9.43
C GLY A 162 9.69 -42.24 -10.60
N ASN A 163 8.37 -42.09 -10.78
CA ASN A 163 7.86 -41.30 -11.89
C ASN A 163 6.93 -40.20 -11.39
N SER A 164 7.06 -39.83 -10.12
CA SER A 164 6.18 -38.86 -9.47
C SER A 164 6.98 -37.69 -8.94
N GLN A 165 6.33 -36.53 -8.86
CA GLN A 165 6.95 -35.38 -8.25
C GLN A 165 5.90 -34.61 -7.46
N GLU A 166 6.28 -34.19 -6.27
CA GLU A 166 5.38 -33.48 -5.38
C GLU A 166 5.81 -32.03 -5.25
N SER A 167 4.85 -31.18 -4.95
CA SER A 167 5.13 -29.79 -4.66
C SER A 167 4.18 -29.33 -3.56
N VAL A 168 4.70 -28.61 -2.58
CA VAL A 168 3.90 -28.16 -1.46
C VAL A 168 3.93 -26.64 -1.40
N THR A 169 2.76 -26.04 -1.22
CA THR A 169 2.66 -24.61 -0.95
C THR A 169 3.31 -24.26 0.38
N GLU A 170 3.66 -22.98 0.53
CA GLU A 170 3.90 -22.48 1.88
C GLU A 170 2.59 -22.52 2.65
N GLN A 171 2.70 -22.54 3.98
CA GLN A 171 1.47 -22.67 4.72
C GLN A 171 0.72 -21.33 4.71
N ASP A 172 -0.59 -21.45 4.69
CA ASP A 172 -1.48 -20.31 4.57
C ASP A 172 -1.31 -19.36 5.75
N SER A 173 -1.38 -18.06 5.47
CA SER A 173 -1.25 -17.04 6.51
C SER A 173 -2.52 -16.87 7.32
N LYS A 174 -3.66 -17.32 6.80
CA LYS A 174 -4.91 -17.29 7.55
C LYS A 174 -5.29 -18.65 8.12
N ASP A 175 -5.11 -19.73 7.37
CA ASP A 175 -5.46 -21.08 7.83
C ASP A 175 -4.30 -21.87 8.44
N SER A 176 -3.05 -21.51 8.12
CA SER A 176 -1.85 -22.27 8.49
C SER A 176 -1.84 -23.68 7.91
N THR A 177 -2.62 -23.93 6.86
CA THR A 177 -2.66 -25.25 6.24
C THR A 177 -1.69 -25.34 5.07
N TYR A 178 -1.53 -26.57 4.59
CA TYR A 178 -0.77 -26.85 3.40
C TYR A 178 -1.70 -27.41 2.35
N SER A 179 -1.29 -27.24 1.10
CA SER A 179 -1.87 -27.98 -0.02
C SER A 179 -0.72 -28.61 -0.79
N LEU A 180 -1.01 -29.73 -1.43
CA LEU A 180 0.02 -30.51 -2.09
C LEU A 180 -0.50 -30.99 -3.43
N SER A 181 0.41 -31.00 -4.39
CA SER A 181 0.16 -31.61 -5.69
C SER A 181 1.15 -32.76 -5.87
N SER A 182 0.65 -33.85 -6.43
CA SER A 182 1.47 -34.97 -6.84
C SER A 182 1.20 -35.23 -8.32
N THR A 183 2.26 -35.27 -9.12
CA THR A 183 2.15 -35.36 -10.57
C THR A 183 2.85 -36.63 -11.04
N LEU A 184 2.08 -37.51 -11.67
CA LEU A 184 2.57 -38.76 -12.24
C LEU A 184 2.83 -38.53 -13.72
N THR A 185 4.03 -38.87 -14.19
CA THR A 185 4.46 -38.59 -15.55
C THR A 185 4.69 -39.90 -16.32
N LEU A 186 4.05 -40.01 -17.48
CA LEU A 186 4.11 -41.18 -18.34
C LEU A 186 4.20 -40.72 -19.79
N SER A 187 4.63 -41.62 -20.66
CA SER A 187 4.46 -41.37 -22.09
C SER A 187 3.00 -41.63 -22.44
N LYS A 188 2.52 -40.94 -23.48
CA LYS A 188 1.18 -41.23 -23.98
C LYS A 188 1.01 -42.71 -24.25
N ALA A 189 2.01 -43.34 -24.87
CA ALA A 189 1.91 -44.75 -25.19
C ALA A 189 1.66 -45.57 -23.95
N ASP A 190 2.40 -45.27 -22.87
CA ASP A 190 2.21 -46.05 -21.66
C ASP A 190 0.90 -45.70 -20.99
N TYR A 191 0.49 -44.44 -21.06
CA TYR A 191 -0.81 -44.07 -20.51
C TYR A 191 -1.95 -44.81 -21.22
N GLU A 192 -1.83 -45.04 -22.52
CA GLU A 192 -2.91 -45.72 -23.25
C GLU A 192 -2.91 -47.21 -23.02
N LYS A 193 -1.83 -47.78 -22.48
CA LYS A 193 -1.81 -49.21 -22.19
C LYS A 193 -2.69 -49.58 -21.00
N HIS A 194 -2.99 -48.65 -20.10
CA HIS A 194 -3.65 -48.99 -18.85
C HIS A 194 -4.97 -48.24 -18.67
N LYS A 195 -5.81 -48.77 -17.77
CA LYS A 195 -7.17 -48.28 -17.57
C LYS A 195 -7.33 -47.41 -16.33
N VAL A 196 -6.99 -47.95 -15.17
CA VAL A 196 -7.30 -47.33 -13.88
C VAL A 196 -6.06 -46.64 -13.36
N TYR A 197 -6.19 -45.33 -13.12
CA TYR A 197 -5.16 -44.52 -12.48
C TYR A 197 -5.69 -44.10 -11.11
N ALA A 198 -4.93 -44.40 -10.07
CA ALA A 198 -5.37 -44.21 -8.68
C ALA A 198 -4.32 -43.43 -7.91
N CYS A 199 -4.82 -42.50 -7.11
CA CYS A 199 -4.02 -41.73 -6.17
C CYS A 199 -4.45 -42.13 -4.77
N GLU A 200 -3.51 -42.64 -3.97
CA GLU A 200 -3.79 -43.16 -2.63
C GLU A 200 -3.06 -42.34 -1.58
N VAL A 201 -3.82 -41.85 -0.59
CA VAL A 201 -3.33 -40.87 0.37
C VAL A 201 -3.51 -41.39 1.79
N THR A 202 -2.45 -41.30 2.58
CA THR A 202 -2.49 -41.50 4.02
C THR A 202 -1.99 -40.25 4.72
N HIS A 203 -2.60 -39.93 5.85
CA HIS A 203 -2.29 -38.71 6.56
C HIS A 203 -2.72 -38.89 8.00
N GLN A 204 -1.99 -38.24 8.90
CA GLN A 204 -2.28 -38.35 10.31
C GLN A 204 -3.72 -37.97 10.61
N GLY A 205 -4.32 -37.07 9.82
CA GLY A 205 -5.71 -36.71 10.01
C GLY A 205 -6.74 -37.72 9.52
N LEU A 206 -6.34 -38.88 9.01
CA LEU A 206 -7.24 -39.86 8.44
C LEU A 206 -7.21 -41.17 9.22
N SER A 207 -8.39 -41.70 9.58
CA SER A 207 -8.44 -43.03 10.19
C SER A 207 -8.02 -44.12 9.22
N SER A 208 -8.30 -43.92 7.94
CA SER A 208 -8.10 -44.83 6.82
C SER A 208 -7.47 -44.09 5.65
N PRO A 209 -6.74 -44.80 4.79
CA PRO A 209 -6.30 -44.19 3.54
C PRO A 209 -7.48 -43.84 2.63
N VAL A 210 -7.32 -42.77 1.86
CA VAL A 210 -8.32 -42.33 0.88
C VAL A 210 -7.75 -42.54 -0.52
N THR A 211 -8.54 -43.13 -1.40
CA THR A 211 -8.14 -43.33 -2.79
C THR A 211 -9.07 -42.55 -3.71
N LYS A 212 -8.49 -41.81 -4.65
CA LYS A 212 -9.21 -41.24 -5.79
C LYS A 212 -8.69 -41.85 -7.09
N SER A 213 -9.60 -42.17 -8.00
CA SER A 213 -9.16 -42.87 -9.21
C SER A 213 -10.12 -42.60 -10.36
N PHE A 214 -9.66 -42.86 -11.57
CA PHE A 214 -10.49 -42.61 -12.76
C PHE A 214 -10.27 -43.74 -13.74
N ASN A 215 -11.19 -43.84 -14.68
CA ASN A 215 -11.13 -44.98 -15.62
C ASN A 215 -10.55 -44.71 -17.00
N ARG A 216 -10.04 -43.56 -17.36
CA ARG A 216 -9.49 -43.39 -18.74
C ARG A 216 -10.54 -43.80 -19.77
N GLY A 217 -11.72 -43.21 -19.63
CA GLY A 217 -12.92 -43.46 -20.45
C GLY A 217 -14.09 -42.71 -19.83
N GLN B 1 -1.11 6.17 0.00
CA GLN B 1 0.18 5.57 0.31
C GLN B 1 1.06 5.49 -0.94
N VAL B 2 2.37 5.31 -0.73
CA VAL B 2 3.32 5.21 -1.84
C VAL B 2 3.32 3.78 -2.37
N GLN B 3 3.23 3.65 -3.71
CA GLN B 3 3.30 2.37 -4.40
C GLN B 3 4.53 2.30 -5.28
N LEU B 4 5.19 1.13 -5.28
CA LEU B 4 6.37 0.91 -6.09
C LEU B 4 6.19 -0.37 -6.90
N GLN B 5 6.74 -0.37 -8.11
CA GLN B 5 6.71 -1.57 -8.93
C GLN B 5 7.97 -1.65 -9.76
N GLU B 6 8.68 -2.77 -9.63
CA GLU B 6 9.88 -3.00 -10.39
C GLU B 6 9.56 -3.73 -11.69
N SER B 7 10.36 -3.46 -12.72
CA SER B 7 10.21 -4.12 -14.01
C SER B 7 11.59 -4.37 -14.59
N GLY B 8 11.69 -5.45 -15.34
CA GLY B 8 12.92 -5.78 -16.00
C GLY B 8 12.97 -7.21 -16.46
N PRO B 9 14.01 -7.53 -17.25
CA PRO B 9 14.10 -8.88 -17.83
C PRO B 9 14.34 -9.91 -16.75
N GLY B 10 13.61 -11.03 -16.86
CA GLY B 10 13.82 -12.07 -15.90
C GLY B 10 15.05 -12.92 -16.18
N LEU B 11 15.64 -12.80 -17.36
CA LEU B 11 16.76 -13.66 -17.76
C LEU B 11 17.92 -12.79 -18.23
N VAL B 12 19.13 -13.11 -17.77
CA VAL B 12 20.35 -12.37 -18.12
C VAL B 12 21.48 -13.37 -18.32
N LYS B 13 22.17 -13.27 -19.46
CA LYS B 13 23.29 -14.17 -19.73
C LYS B 13 24.52 -13.77 -18.92
N PRO B 14 25.30 -14.76 -18.49
CA PRO B 14 26.50 -14.47 -17.69
C PRO B 14 27.42 -13.46 -18.37
N SER B 15 27.97 -12.53 -17.56
CA SER B 15 28.87 -11.45 -17.95
C SER B 15 28.14 -10.32 -18.65
N GLN B 16 26.83 -10.43 -18.87
CA GLN B 16 26.06 -9.31 -19.38
C GLN B 16 25.62 -8.41 -18.23
N THR B 17 24.84 -7.38 -18.59
CA THR B 17 24.36 -6.37 -17.66
C THR B 17 22.88 -6.58 -17.38
N LEU B 18 22.53 -6.52 -16.10
CA LEU B 18 21.15 -6.56 -15.65
C LEU B 18 20.64 -5.13 -15.51
N SER B 19 19.45 -4.88 -16.03
CA SER B 19 18.81 -3.57 -15.92
C SER B 19 17.43 -3.73 -15.33
N LEU B 20 17.11 -2.94 -14.32
CA LEU B 20 15.79 -2.96 -13.72
C LEU B 20 15.31 -1.52 -13.55
N THR B 21 14.00 -1.34 -13.59
CA THR B 21 13.38 -0.05 -13.36
C THR B 21 12.32 -0.16 -12.27
N CYS B 22 12.23 0.87 -11.43
CA CYS B 22 11.21 0.99 -10.42
C CYS B 22 10.36 2.22 -10.71
N THR B 23 9.06 2.01 -10.90
CA THR B 23 8.10 3.08 -11.09
C THR B 23 7.40 3.42 -9.78
N VAL B 24 7.39 4.70 -9.42
CA VAL B 24 6.84 5.16 -8.15
C VAL B 24 5.59 5.99 -8.38
N SER B 25 4.51 5.58 -7.73
CA SER B 25 3.24 6.28 -7.73
C SER B 25 2.93 6.80 -6.33
N GLY B 26 2.28 7.98 -6.27
CA GLY B 26 1.80 8.55 -5.04
C GLY B 26 2.71 9.57 -4.38
N ASP B 27 4.00 9.58 -4.71
CA ASP B 27 4.86 10.66 -4.25
C ASP B 27 6.04 10.79 -5.20
N SER B 28 6.64 11.98 -5.20
CA SER B 28 7.72 12.28 -6.13
C SER B 28 9.05 11.75 -5.62
N ILE B 29 9.88 11.24 -6.54
CA ILE B 29 11.20 10.74 -6.13
C ILE B 29 12.21 11.87 -5.96
N THR B 30 11.79 13.12 -6.20
CA THR B 30 12.59 14.27 -5.85
C THR B 30 12.72 14.46 -4.34
N SER B 31 12.03 13.66 -3.53
CA SER B 31 11.89 13.98 -2.12
C SER B 31 12.49 12.95 -1.18
N GLY B 32 12.51 11.68 -1.53
CA GLY B 32 12.88 10.73 -0.50
C GLY B 32 14.26 10.12 -0.61
N TYR B 33 14.34 8.83 -0.29
CA TYR B 33 15.45 7.95 -0.63
C TYR B 33 14.87 6.74 -1.31
N TRP B 34 15.62 6.17 -2.25
CA TRP B 34 15.08 5.12 -3.08
C TRP B 34 16.11 4.00 -3.13
N ASN B 35 15.76 2.86 -2.55
CA ASN B 35 16.66 1.76 -2.25
C ASN B 35 16.45 0.60 -3.21
N TRP B 36 17.53 -0.13 -3.45
CA TRP B 36 17.48 -1.46 -4.04
C TRP B 36 18.08 -2.46 -3.06
N ILE B 37 17.47 -3.65 -3.02
CA ILE B 37 17.88 -4.70 -2.10
C ILE B 37 17.50 -6.02 -2.75
N ARG B 38 18.29 -7.06 -2.50
CA ARG B 38 18.03 -8.32 -3.17
C ARG B 38 18.06 -9.51 -2.21
N GLN B 39 17.40 -10.59 -2.66
CA GLN B 39 17.17 -11.80 -1.88
C GLN B 39 17.55 -12.99 -2.74
N PRO B 40 18.77 -13.47 -2.63
CA PRO B 40 19.17 -14.65 -3.39
C PRO B 40 18.45 -15.87 -2.85
N PRO B 41 18.30 -16.90 -3.65
CA PRO B 41 17.58 -18.11 -3.18
C PRO B 41 18.06 -18.63 -1.83
N GLY B 42 17.16 -18.60 -0.84
CA GLY B 42 17.45 -19.12 0.48
C GLY B 42 18.58 -18.46 1.24
N LYS B 43 18.96 -17.23 0.88
CA LYS B 43 20.19 -16.65 1.42
C LYS B 43 19.97 -15.22 1.90
N GLY B 44 19.01 -15.03 2.82
CA GLY B 44 18.71 -13.75 3.41
C GLY B 44 18.65 -12.55 2.47
N LEU B 45 18.92 -11.35 2.97
CA LEU B 45 18.80 -10.12 2.20
C LEU B 45 20.15 -9.44 2.03
N GLU B 46 20.35 -8.81 0.88
CA GLU B 46 21.61 -8.13 0.58
C GLU B 46 21.28 -6.71 0.12
N TYR B 47 21.77 -5.72 0.87
CA TYR B 47 21.53 -4.34 0.50
C TYR B 47 22.40 -3.97 -0.69
N ILE B 48 21.80 -3.27 -1.66
CA ILE B 48 22.52 -2.87 -2.87
C ILE B 48 22.90 -1.40 -2.75
N GLY B 49 21.92 -0.53 -2.55
CA GLY B 49 22.21 0.88 -2.37
C GLY B 49 21.00 1.75 -2.63
N TYR B 50 21.24 3.06 -2.75
CA TYR B 50 20.14 4.00 -2.91
C TYR B 50 20.51 5.19 -3.79
N ILE B 51 19.47 5.91 -4.23
CA ILE B 51 19.61 7.26 -4.78
C ILE B 51 18.71 8.19 -3.99
N ARG B 52 19.20 9.41 -3.78
CA ARG B 52 18.65 10.40 -2.87
C ARG B 52 17.77 11.40 -3.62
N TYR B 53 17.01 12.15 -2.82
CA TYR B 53 16.27 13.30 -3.29
C TYR B 53 17.07 14.18 -4.24
N SER B 54 18.39 14.21 -4.07
CA SER B 54 19.23 15.12 -4.83
C SER B 54 19.98 14.45 -5.97
N GLY B 55 19.82 13.14 -6.17
CA GLY B 55 20.62 12.41 -7.12
C GLY B 55 21.84 11.72 -6.55
N ARG B 56 22.27 12.08 -5.33
CA ARG B 56 23.40 11.39 -4.72
C ARG B 56 23.07 9.92 -4.51
N THR B 57 24.07 9.09 -4.74
CA THR B 57 23.95 7.66 -4.63
C THR B 57 24.85 7.13 -3.53
N TYR B 58 24.45 6.02 -2.94
CA TYR B 58 25.29 5.19 -2.08
C TYR B 58 25.23 3.77 -2.59
N TYR B 59 26.39 3.11 -2.65
CA TYR B 59 26.48 1.75 -3.14
C TYR B 59 27.14 0.84 -2.11
N ASN B 60 26.60 -0.36 -1.93
CA ASN B 60 27.26 -1.37 -1.10
C ASN B 60 28.62 -1.67 -1.69
N PRO B 61 29.73 -1.41 -0.99
CA PRO B 61 31.06 -1.64 -1.58
C PRO B 61 31.27 -3.05 -2.08
N SER B 62 30.43 -4.02 -1.71
CA SER B 62 30.49 -5.35 -2.30
C SER B 62 30.19 -5.31 -3.80
N LEU B 63 29.46 -4.30 -4.26
CA LEU B 63 28.99 -4.23 -5.63
C LEU B 63 29.40 -2.96 -6.38
N LYS B 64 29.99 -1.97 -5.68
CA LYS B 64 30.05 -0.62 -6.22
C LYS B 64 30.78 -0.52 -7.57
N SER B 65 31.74 -1.42 -7.85
CA SER B 65 32.37 -1.36 -9.16
C SER B 65 31.43 -1.77 -10.30
N ARG B 66 30.38 -2.55 -10.05
CA ARG B 66 29.53 -3.02 -11.15
C ARG B 66 28.12 -2.48 -11.08
N VAL B 67 27.82 -1.57 -10.16
CA VAL B 67 26.44 -1.18 -9.90
C VAL B 67 26.26 0.30 -10.24
N THR B 68 25.12 0.61 -10.82
CA THR B 68 24.69 1.99 -10.99
C THR B 68 23.23 2.07 -10.59
N ILE B 69 22.88 3.12 -9.85
CA ILE B 69 21.49 3.46 -9.59
C ILE B 69 21.29 4.86 -10.13
N SER B 70 20.22 5.05 -10.91
CA SER B 70 19.93 6.34 -11.56
C SER B 70 18.43 6.61 -11.49
N ARG B 71 18.03 7.79 -11.97
CA ARG B 71 16.64 8.19 -11.85
C ARG B 71 16.21 9.01 -13.04
N ASP B 72 14.91 8.96 -13.32
CA ASP B 72 14.29 9.81 -14.31
C ASP B 72 13.12 10.48 -13.60
N THR B 73 13.37 11.68 -13.09
CA THR B 73 12.31 12.38 -12.36
C THR B 73 11.13 12.73 -13.27
N SER B 74 11.32 12.75 -14.59
CA SER B 74 10.18 13.02 -15.47
C SER B 74 9.17 11.89 -15.44
N LYS B 75 9.64 10.65 -15.29
CA LYS B 75 8.78 9.48 -15.25
C LYS B 75 8.57 8.98 -13.85
N ASN B 76 9.10 9.70 -12.85
CA ASN B 76 9.07 9.27 -11.45
C ASN B 76 9.55 7.82 -11.33
N GLN B 77 10.72 7.56 -11.92
CA GLN B 77 11.32 6.22 -11.95
C GLN B 77 12.79 6.31 -11.55
N PHE B 78 13.25 5.30 -10.83
CA PHE B 78 14.67 5.09 -10.61
C PHE B 78 14.98 3.68 -11.05
N SER B 79 16.26 3.41 -11.28
CA SER B 79 16.65 2.21 -12.00
C SER B 79 17.93 1.62 -11.42
N LEU B 80 18.20 0.37 -11.79
CA LEU B 80 19.35 -0.37 -11.28
C LEU B 80 20.09 -0.98 -12.45
N LYS B 81 21.42 -0.83 -12.45
CA LYS B 81 22.28 -1.47 -13.44
C LYS B 81 23.37 -2.24 -12.71
N LEU B 82 23.44 -3.53 -12.93
CA LEU B 82 24.47 -4.38 -12.34
C LEU B 82 25.18 -5.10 -13.47
N SER B 83 26.45 -4.77 -13.70
CA SER B 83 27.20 -5.31 -14.83
C SER B 83 27.96 -6.58 -14.48
N SER B 84 28.35 -7.31 -15.53
CA SER B 84 29.18 -8.52 -15.42
C SER B 84 28.57 -9.51 -14.43
N VAL B 85 27.30 -9.86 -14.66
CA VAL B 85 26.59 -10.70 -13.69
C VAL B 85 27.13 -12.11 -13.73
N THR B 86 27.00 -12.80 -12.60
CA THR B 86 27.22 -14.24 -12.50
C THR B 86 26.01 -14.84 -11.79
N ALA B 87 26.01 -16.17 -11.71
CA ALA B 87 24.90 -16.85 -11.05
C ALA B 87 24.72 -16.37 -9.62
N ALA B 88 25.75 -15.77 -9.02
CA ALA B 88 25.61 -15.14 -7.71
C ALA B 88 24.66 -13.95 -7.75
N ASP B 89 24.38 -13.39 -8.91
CA ASP B 89 23.45 -12.28 -8.98
C ASP B 89 22.01 -12.73 -9.20
N THR B 90 21.77 -14.03 -9.31
CA THR B 90 20.41 -14.55 -9.36
C THR B 90 19.68 -14.31 -8.03
N ALA B 91 18.57 -13.59 -8.09
CA ALA B 91 17.88 -13.16 -6.88
C ALA B 91 16.54 -12.52 -7.23
N VAL B 92 15.72 -12.35 -6.20
CA VAL B 92 14.61 -11.42 -6.27
C VAL B 92 15.13 -10.03 -5.94
N TYR B 93 14.84 -9.08 -6.82
CA TYR B 93 15.27 -7.71 -6.62
C TYR B 93 14.05 -6.88 -6.22
N TYR B 94 14.17 -6.14 -5.12
CA TYR B 94 13.13 -5.24 -4.65
C TYR B 94 13.62 -3.79 -4.67
N CYS B 95 12.72 -2.88 -5.01
CA CYS B 95 12.92 -1.47 -4.72
C CYS B 95 12.08 -1.09 -3.51
N ALA B 96 12.52 -0.06 -2.79
CA ALA B 96 11.79 0.29 -1.59
C ALA B 96 12.02 1.76 -1.27
N SER B 97 11.07 2.34 -0.57
CA SER B 97 11.12 3.74 -0.17
C SER B 97 12.01 3.90 1.07
N VAL B 98 12.13 5.15 1.54
CA VAL B 98 12.99 5.45 2.66
C VAL B 98 12.52 4.70 3.89
N TYR B 99 13.49 4.23 4.68
CA TYR B 99 13.24 3.44 5.88
C TYR B 99 12.55 2.13 5.57
N PHE B 100 12.52 1.76 4.29
CA PHE B 100 11.90 0.53 3.81
C PHE B 100 10.44 0.44 4.22
N THR B 101 9.77 1.59 4.29
CA THR B 101 8.37 1.60 4.66
C THR B 101 7.50 0.94 3.58
N TYR B 102 7.68 1.36 2.34
CA TYR B 102 6.90 0.86 1.22
C TYR B 102 7.78 0.08 0.27
N TRP B 103 7.24 -1.00 -0.29
CA TRP B 103 7.99 -1.95 -1.08
C TRP B 103 7.26 -2.24 -2.39
N GLY B 104 8.04 -2.53 -3.44
CA GLY B 104 7.51 -3.18 -4.60
C GLY B 104 7.31 -4.67 -4.35
N GLN B 105 6.74 -5.36 -5.35
CA GLN B 105 6.51 -6.79 -5.19
C GLN B 105 7.73 -7.62 -5.53
N GLY B 106 8.76 -7.02 -6.10
CA GLY B 106 9.95 -7.78 -6.41
C GLY B 106 9.90 -8.40 -7.78
N THR B 107 11.08 -8.59 -8.35
CA THR B 107 11.19 -9.24 -9.64
C THR B 107 12.38 -10.20 -9.59
N LEU B 108 12.14 -11.41 -10.07
CA LEU B 108 13.14 -12.45 -10.06
C LEU B 108 14.06 -12.28 -11.27
N VAL B 109 15.36 -12.19 -11.04
CA VAL B 109 16.32 -12.17 -12.13
C VAL B 109 17.17 -13.42 -12.03
N THR B 110 17.24 -14.14 -13.14
CA THR B 110 17.93 -15.40 -13.26
C THR B 110 19.11 -15.22 -14.18
N VAL B 111 20.28 -15.59 -13.70
CA VAL B 111 21.50 -15.50 -14.46
C VAL B 111 21.81 -16.88 -14.99
N SER B 112 21.78 -17.02 -16.31
CA SER B 112 21.90 -18.31 -16.95
C SER B 112 22.10 -18.09 -18.43
N SER B 113 22.91 -18.96 -19.04
CA SER B 113 23.09 -18.95 -20.48
C SER B 113 22.02 -19.75 -21.22
N ALA B 114 21.10 -20.39 -20.50
CA ALA B 114 20.02 -21.10 -21.15
C ALA B 114 19.00 -20.13 -21.75
N SER B 115 18.32 -20.58 -22.81
CA SER B 115 17.32 -19.79 -23.49
C SER B 115 16.00 -19.80 -22.74
N THR B 116 15.28 -18.68 -22.86
CA THR B 116 13.93 -18.61 -22.35
C THR B 116 12.99 -19.48 -23.21
N LYS B 117 11.90 -19.92 -22.59
CA LYS B 117 10.87 -20.68 -23.29
C LYS B 117 9.56 -20.55 -22.51
N GLY B 118 8.50 -20.19 -23.22
CA GLY B 118 7.19 -20.05 -22.63
C GLY B 118 6.53 -21.38 -22.39
N PRO B 119 5.45 -21.35 -21.62
CA PRO B 119 4.79 -22.57 -21.18
C PRO B 119 3.69 -23.07 -22.09
N SER B 120 3.48 -24.38 -22.04
CA SER B 120 2.22 -24.94 -22.49
C SER B 120 1.25 -24.97 -21.32
N VAL B 121 -0.03 -24.80 -21.61
CA VAL B 121 -1.07 -24.67 -20.59
C VAL B 121 -2.16 -25.68 -20.88
N PHE B 122 -2.29 -26.67 -20.02
CA PHE B 122 -3.29 -27.70 -20.17
C PHE B 122 -4.31 -27.65 -19.04
N PRO B 123 -5.56 -27.99 -19.34
CA PRO B 123 -6.61 -27.89 -18.33
C PRO B 123 -6.60 -29.06 -17.39
N LEU B 124 -6.81 -28.78 -16.10
CA LEU B 124 -7.11 -29.82 -15.10
C LEU B 124 -8.62 -29.79 -15.01
N ALA B 125 -9.26 -30.66 -15.74
CA ALA B 125 -10.69 -30.54 -15.96
C ALA B 125 -11.44 -31.03 -14.75
N PRO B 126 -12.43 -30.29 -14.27
CA PRO B 126 -13.30 -30.82 -13.21
C PRO B 126 -14.06 -32.01 -13.75
N SER B 127 -14.08 -33.09 -12.98
CA SER B 127 -14.80 -34.30 -13.34
C SER B 127 -15.71 -34.69 -12.18
N SER B 128 -16.33 -35.87 -12.23
CA SER B 128 -17.01 -36.37 -11.04
C SER B 128 -16.01 -36.81 -9.98
N LYS B 129 -14.76 -37.03 -10.38
CA LYS B 129 -13.73 -37.47 -9.46
C LYS B 129 -12.88 -36.30 -8.94
N SER B 130 -13.21 -35.08 -9.35
CA SER B 130 -12.62 -33.89 -8.74
C SER B 130 -13.69 -33.03 -8.04
N THR B 131 -14.77 -33.66 -7.58
CA THR B 131 -15.83 -32.99 -6.85
C THR B 131 -16.11 -33.74 -5.54
N SER B 132 -16.10 -33.00 -4.43
CA SER B 132 -16.29 -33.54 -3.09
C SER B 132 -17.54 -32.89 -2.50
N GLY B 133 -18.69 -33.54 -2.68
CA GLY B 133 -19.92 -32.97 -2.20
C GLY B 133 -20.18 -31.65 -2.91
N GLY B 134 -20.18 -30.56 -2.15
CA GLY B 134 -20.45 -29.28 -2.77
C GLY B 134 -19.28 -28.64 -3.45
N THR B 135 -18.08 -29.18 -3.24
CA THR B 135 -16.83 -28.59 -3.68
C THR B 135 -16.27 -29.34 -4.90
N ALA B 136 -15.93 -28.59 -5.95
CA ALA B 136 -15.20 -29.13 -7.10
C ALA B 136 -13.89 -28.36 -7.29
N ALA B 137 -12.86 -29.09 -7.68
CA ALA B 137 -11.56 -28.52 -8.00
C ALA B 137 -11.34 -28.51 -9.51
N LEU B 138 -10.72 -27.46 -10.00
CA LEU B 138 -10.28 -27.42 -11.40
C LEU B 138 -9.01 -26.59 -11.46
N GLY B 139 -8.27 -26.75 -12.55
CA GLY B 139 -7.00 -26.08 -12.60
C GLY B 139 -6.39 -26.01 -13.98
N CYS B 140 -5.15 -25.55 -13.99
CA CYS B 140 -4.34 -25.43 -15.19
C CYS B 140 -2.98 -26.03 -14.89
N LEU B 141 -2.49 -26.86 -15.81
CA LEU B 141 -1.15 -27.40 -15.72
C LEU B 141 -0.25 -26.55 -16.61
N VAL B 142 0.73 -25.87 -16.01
CA VAL B 142 1.58 -24.93 -16.72
C VAL B 142 2.95 -25.57 -16.84
N LYS B 143 3.28 -26.05 -18.04
CA LYS B 143 4.39 -26.98 -18.20
C LYS B 143 5.49 -26.45 -19.11
N ASP B 144 6.73 -26.81 -18.74
CA ASP B 144 7.92 -26.74 -19.59
C ASP B 144 8.27 -25.31 -20.03
N TYR B 145 8.50 -24.45 -19.04
CA TYR B 145 8.89 -23.08 -19.31
C TYR B 145 10.17 -22.79 -18.53
N PHE B 146 10.90 -21.78 -19.00
CA PHE B 146 12.13 -21.35 -18.36
C PHE B 146 12.37 -19.89 -18.71
N PRO B 147 12.85 -19.06 -17.77
CA PRO B 147 13.03 -19.43 -16.36
C PRO B 147 11.77 -19.12 -15.54
N GLU B 148 11.85 -19.24 -14.23
CA GLU B 148 10.80 -18.74 -13.37
C GLU B 148 10.72 -17.21 -13.47
N PRO B 149 9.55 -16.61 -13.19
CA PRO B 149 8.29 -17.21 -12.75
C PRO B 149 7.15 -17.14 -13.76
N VAL B 150 6.08 -17.89 -13.50
CA VAL B 150 4.80 -17.68 -14.16
C VAL B 150 3.83 -17.11 -13.13
N THR B 151 2.95 -16.25 -13.60
CA THR B 151 1.84 -15.74 -12.81
C THR B 151 0.56 -16.35 -13.36
N VAL B 152 -0.29 -16.85 -12.47
CA VAL B 152 -1.56 -17.44 -12.88
C VAL B 152 -2.67 -16.72 -12.14
N SER B 153 -3.64 -16.22 -12.90
CA SER B 153 -4.83 -15.61 -12.34
C SER B 153 -6.04 -16.32 -12.92
N TRP B 154 -7.20 -16.05 -12.34
CA TRP B 154 -8.40 -16.77 -12.71
C TRP B 154 -9.48 -15.76 -13.05
N ASN B 155 -10.09 -15.94 -14.21
CA ASN B 155 -11.10 -15.03 -14.72
C ASN B 155 -10.61 -13.59 -14.59
N SER B 156 -9.36 -13.39 -14.99
CA SER B 156 -8.75 -12.06 -15.05
C SER B 156 -8.81 -11.35 -13.70
N GLY B 157 -8.66 -12.12 -12.62
CA GLY B 157 -8.58 -11.58 -11.29
C GLY B 157 -9.87 -11.49 -10.51
N ALA B 158 -11.00 -11.80 -11.14
CA ALA B 158 -12.27 -11.75 -10.42
C ALA B 158 -12.43 -12.92 -9.45
N LEU B 159 -11.73 -14.03 -9.69
CA LEU B 159 -11.80 -15.22 -8.85
C LEU B 159 -10.49 -15.30 -8.07
N THR B 160 -10.56 -14.93 -6.80
CA THR B 160 -9.41 -14.82 -5.91
C THR B 160 -9.41 -15.87 -4.81
N SER B 161 -10.50 -16.02 -4.09
CA SER B 161 -10.54 -17.01 -3.02
C SER B 161 -10.51 -18.43 -3.59
N GLY B 162 -9.86 -19.33 -2.85
CA GLY B 162 -9.79 -20.74 -3.19
C GLY B 162 -8.70 -21.16 -4.15
N VAL B 163 -7.80 -20.24 -4.53
CA VAL B 163 -6.74 -20.51 -5.51
C VAL B 163 -5.48 -21.05 -4.82
N HIS B 164 -4.90 -22.11 -5.37
CA HIS B 164 -3.56 -22.54 -5.01
C HIS B 164 -2.74 -22.63 -6.29
N THR B 165 -1.69 -21.83 -6.39
CA THR B 165 -0.68 -22.00 -7.42
C THR B 165 0.55 -22.62 -6.75
N PHE B 166 0.90 -23.82 -7.16
CA PHE B 166 1.97 -24.55 -6.49
C PHE B 166 3.36 -24.07 -6.92
N PRO B 167 4.35 -24.22 -6.05
CA PRO B 167 5.71 -23.83 -6.42
C PRO B 167 6.17 -24.64 -7.62
N ALA B 168 6.93 -24.00 -8.50
CA ALA B 168 7.41 -24.71 -9.66
C ALA B 168 8.43 -25.76 -9.25
N VAL B 169 8.54 -26.79 -10.06
CA VAL B 169 9.56 -27.80 -9.90
C VAL B 169 10.45 -27.79 -11.15
N LEU B 170 11.74 -27.91 -10.93
CA LEU B 170 12.70 -27.99 -12.02
C LEU B 170 12.80 -29.44 -12.42
N GLN B 171 12.37 -29.73 -13.65
CA GLN B 171 12.46 -31.09 -14.15
C GLN B 171 13.88 -31.34 -14.67
N SER B 172 14.23 -32.62 -14.82
CA SER B 172 15.57 -32.95 -15.27
C SER B 172 15.83 -32.47 -16.70
N SER B 173 14.77 -32.12 -17.45
CA SER B 173 14.89 -31.46 -18.74
C SER B 173 15.40 -30.03 -18.64
N GLY B 174 15.50 -29.48 -17.44
CA GLY B 174 15.86 -28.08 -17.31
C GLY B 174 14.70 -27.13 -17.48
N LEU B 175 13.48 -27.62 -17.53
CA LEU B 175 12.29 -26.80 -17.65
C LEU B 175 11.47 -26.88 -16.37
N TYR B 176 10.75 -25.80 -16.07
CA TYR B 176 9.87 -25.75 -14.93
C TYR B 176 8.47 -26.15 -15.29
N SER B 177 7.70 -26.46 -14.25
CA SER B 177 6.32 -26.88 -14.40
C SER B 177 5.62 -26.67 -13.07
N LEU B 178 4.36 -26.28 -13.12
CA LEU B 178 3.54 -26.16 -11.92
C LEU B 178 2.09 -26.32 -12.33
N SER B 179 1.25 -26.46 -11.31
CA SER B 179 -0.19 -26.45 -11.48
C SER B 179 -0.77 -25.31 -10.65
N SER B 180 -1.87 -24.76 -11.14
CA SER B 180 -2.68 -23.83 -10.38
C SER B 180 -4.07 -24.41 -10.32
N VAL B 181 -4.62 -24.54 -9.11
CA VAL B 181 -5.95 -25.10 -8.95
C VAL B 181 -6.81 -24.14 -8.15
N VAL B 182 -8.12 -24.32 -8.29
CA VAL B 182 -9.05 -23.49 -7.55
C VAL B 182 -10.24 -24.34 -7.16
N THR B 183 -10.80 -24.08 -5.99
CA THR B 183 -12.00 -24.77 -5.55
C THR B 183 -13.20 -23.85 -5.73
N VAL B 184 -14.27 -24.39 -6.29
CA VAL B 184 -15.49 -23.63 -6.58
C VAL B 184 -16.70 -24.50 -6.27
N PRO B 185 -17.91 -23.96 -6.20
CA PRO B 185 -19.08 -24.81 -5.95
C PRO B 185 -19.40 -25.68 -7.14
N SER B 186 -19.72 -26.94 -6.85
CA SER B 186 -20.09 -27.91 -7.87
C SER B 186 -21.27 -27.41 -8.69
N SER B 187 -22.14 -26.60 -8.07
CA SER B 187 -23.25 -25.98 -8.77
C SER B 187 -22.80 -25.00 -9.83
N SER B 188 -21.58 -24.46 -9.74
CA SER B 188 -21.18 -23.45 -10.70
C SER B 188 -20.72 -24.05 -12.01
N LEU B 189 -20.52 -25.36 -12.07
CA LEU B 189 -20.04 -25.96 -13.30
C LEU B 189 -21.14 -25.90 -14.35
N GLY B 190 -20.75 -25.84 -15.62
CA GLY B 190 -21.71 -25.82 -16.70
C GLY B 190 -22.29 -24.45 -16.93
N THR B 191 -22.40 -23.65 -15.87
CA THR B 191 -23.01 -22.34 -15.94
C THR B 191 -22.00 -21.21 -15.78
N GLU B 192 -20.92 -21.44 -15.04
CA GLU B 192 -19.87 -20.43 -14.84
C GLU B 192 -18.68 -20.81 -15.68
N THR B 193 -18.16 -19.86 -16.46
CA THR B 193 -16.95 -20.12 -17.23
C THR B 193 -15.71 -19.88 -16.39
N TYR B 194 -14.74 -20.76 -16.52
CA TYR B 194 -13.51 -20.65 -15.73
C TYR B 194 -12.32 -20.62 -16.68
N ILE B 195 -11.52 -19.55 -16.60
CA ILE B 195 -10.37 -19.34 -17.46
C ILE B 195 -9.18 -18.98 -16.60
N CYS B 196 -8.07 -19.70 -16.79
CA CYS B 196 -6.82 -19.33 -16.14
C CYS B 196 -5.97 -18.49 -17.08
N ASN B 197 -5.33 -17.47 -16.52
CA ASN B 197 -4.52 -16.51 -17.27
C ASN B 197 -3.09 -16.65 -16.81
N VAL B 198 -2.21 -17.11 -17.71
CA VAL B 198 -0.81 -17.39 -17.42
C VAL B 198 0.06 -16.30 -18.02
N ASN B 199 0.85 -15.64 -17.19
CA ASN B 199 1.82 -14.63 -17.62
C ASN B 199 3.22 -15.22 -17.46
N HIS B 200 3.97 -15.24 -18.54
CA HIS B 200 5.39 -15.57 -18.45
C HIS B 200 6.16 -14.38 -19.00
N LYS B 201 6.42 -13.39 -18.13
CA LYS B 201 7.19 -12.21 -18.53
C LYS B 201 8.52 -12.54 -19.20
N PRO B 202 9.36 -13.43 -18.67
CA PRO B 202 10.66 -13.66 -19.31
C PRO B 202 10.57 -13.99 -20.78
N SER B 203 9.48 -14.59 -21.23
CA SER B 203 9.34 -14.92 -22.64
C SER B 203 8.31 -14.05 -23.33
N ASN B 204 7.80 -13.02 -22.65
CA ASN B 204 6.77 -12.13 -23.21
C ASN B 204 5.60 -12.91 -23.78
N THR B 205 5.14 -13.90 -23.03
CA THR B 205 3.99 -14.70 -23.39
C THR B 205 2.91 -14.54 -22.34
N LYS B 206 1.69 -14.40 -22.80
CA LYS B 206 0.52 -14.53 -21.97
C LYS B 206 -0.38 -15.55 -22.66
N VAL B 207 -0.92 -16.47 -21.88
CA VAL B 207 -1.75 -17.54 -22.40
C VAL B 207 -3.04 -17.58 -21.58
N ASP B 208 -4.18 -17.62 -22.28
CA ASP B 208 -5.47 -17.79 -21.64
C ASP B 208 -6.00 -19.16 -22.01
N LYS B 209 -6.47 -19.91 -21.01
CA LYS B 209 -6.98 -21.26 -21.22
C LYS B 209 -8.35 -21.40 -20.57
N LYS B 210 -9.35 -21.72 -21.39
CA LYS B 210 -10.68 -22.02 -20.89
C LYS B 210 -10.71 -23.44 -20.35
N VAL B 211 -11.19 -23.62 -19.12
CA VAL B 211 -11.26 -24.94 -18.50
C VAL B 211 -12.70 -25.37 -18.49
N GLU B 212 -13.00 -26.48 -19.16
CA GLU B 212 -14.35 -26.99 -19.27
C GLU B 212 -14.48 -28.33 -18.56
N ALA B 213 -15.65 -28.56 -18.00
CA ALA B 213 -15.98 -29.85 -17.39
C ALA B 213 -16.01 -30.94 -18.46
N ASP C 1 -32.12 4.26 -3.15
CA ASP C 1 -31.22 3.13 -2.89
C ASP C 1 -31.10 2.83 -1.41
N VAL C 2 -30.12 1.98 -1.06
CA VAL C 2 -29.85 1.66 0.33
C VAL C 2 -29.10 2.81 0.99
N VAL C 3 -29.63 3.31 2.10
CA VAL C 3 -29.02 4.42 2.83
C VAL C 3 -28.15 3.87 3.94
N MET C 4 -26.93 4.33 4.03
CA MET C 4 -26.00 3.92 5.07
C MET C 4 -25.81 5.10 6.02
N THR C 5 -25.98 4.85 7.30
CA THR C 5 -25.88 5.94 8.25
C THR C 5 -25.03 5.51 9.43
N GLN C 6 -24.04 6.34 9.74
CA GLN C 6 -23.03 6.09 10.73
C GLN C 6 -23.22 7.04 11.90
N THR C 7 -22.79 6.60 13.08
CA THR C 7 -22.81 7.39 14.27
C THR C 7 -21.68 6.90 15.16
N PRO C 8 -20.96 7.80 15.87
CA PRO C 8 -21.10 9.27 15.76
C PRO C 8 -20.45 9.72 14.48
N LEU C 9 -20.57 11.02 14.12
CA LEU C 9 -19.85 11.51 12.94
C LEU C 9 -18.40 11.81 13.27
N SER C 10 -18.15 12.13 14.53
CA SER C 10 -16.85 12.55 15.01
C SER C 10 -16.66 11.85 16.37
N LEU C 11 -15.49 11.24 16.57
CA LEU C 11 -15.26 10.40 17.75
C LEU C 11 -13.85 10.59 18.30
N PRO C 12 -13.67 11.37 19.35
CA PRO C 12 -12.34 11.46 19.99
C PRO C 12 -12.16 10.33 21.00
N VAL C 13 -11.02 9.65 20.93
CA VAL C 13 -10.75 8.50 21.80
C VAL C 13 -9.35 8.63 22.39
N THR C 14 -9.23 8.45 23.70
CA THR C 14 -7.92 8.47 24.32
C THR C 14 -7.04 7.36 23.75
N LEU C 15 -5.80 7.71 23.47
CA LEU C 15 -4.80 6.76 23.01
C LEU C 15 -4.77 5.52 23.88
N GLY C 16 -4.98 4.35 23.26
CA GLY C 16 -4.96 3.10 23.96
C GLY C 16 -6.31 2.63 24.48
N GLN C 17 -7.29 3.51 24.49
CA GLN C 17 -8.63 3.14 24.90
C GLN C 17 -9.38 2.54 23.71
N PRO C 18 -10.49 1.84 23.96
CA PRO C 18 -11.28 1.24 22.87
C PRO C 18 -12.21 2.25 22.21
N ALA C 19 -12.70 1.86 21.03
CA ALA C 19 -13.61 2.70 20.26
C ALA C 19 -14.57 1.84 19.45
N SER C 20 -15.80 2.32 19.31
CA SER C 20 -16.85 1.65 18.56
C SER C 20 -17.50 2.64 17.61
N ILE C 21 -17.80 2.19 16.40
CA ILE C 21 -18.54 2.98 15.45
C ILE C 21 -19.71 2.14 14.97
N SER C 22 -20.90 2.74 14.98
CA SER C 22 -22.12 2.07 14.57
C SER C 22 -22.50 2.48 13.15
N CYS C 23 -23.00 1.51 12.39
CA CYS C 23 -23.44 1.67 11.02
C CYS C 23 -24.81 1.05 10.88
N LYS C 24 -25.70 1.75 10.17
CA LYS C 24 -27.05 1.29 9.89
C LYS C 24 -27.37 1.33 8.40
N SER C 25 -28.02 0.29 7.92
CA SER C 25 -28.52 0.26 6.55
C SER C 25 -30.04 0.24 6.60
N SER C 26 -30.66 0.84 5.58
CA SER C 26 -32.10 0.94 5.47
C SER C 26 -32.74 -0.32 4.91
N GLN C 27 -31.93 -1.30 4.54
CA GLN C 27 -32.39 -2.54 3.93
C GLN C 27 -31.41 -3.62 4.33
N SER C 28 -31.89 -4.86 4.36
CA SER C 28 -31.00 -5.98 4.66
C SER C 28 -29.91 -6.10 3.61
N LEU C 29 -28.72 -6.45 4.08
CA LEU C 29 -27.54 -6.68 3.25
C LEU C 29 -27.24 -8.15 3.07
N LEU C 30 -28.14 -9.03 3.51
CA LEU C 30 -27.99 -10.46 3.34
C LEU C 30 -28.40 -10.83 1.93
N ASP C 31 -27.46 -11.30 1.12
CA ASP C 31 -27.74 -11.72 -0.26
C ASP C 31 -28.23 -13.16 -0.32
N SER C 32 -28.91 -13.48 -1.41
CA SER C 32 -29.43 -14.83 -1.60
C SER C 32 -28.32 -15.86 -1.74
N ASP C 33 -27.08 -15.43 -2.00
CA ASP C 33 -25.91 -16.31 -2.01
C ASP C 33 -25.32 -16.54 -0.62
N GLY C 34 -25.93 -16.00 0.43
CA GLY C 34 -25.47 -16.20 1.79
C GLY C 34 -24.54 -15.15 2.33
N LYS C 35 -23.95 -14.32 1.48
CA LYS C 35 -23.00 -13.33 1.98
C LYS C 35 -23.69 -12.03 2.35
N THR C 36 -23.08 -11.29 3.26
CA THR C 36 -23.54 -9.96 3.62
C THR C 36 -22.44 -8.99 3.20
N TYR C 37 -22.75 -8.13 2.25
CA TYR C 37 -21.75 -7.24 1.65
C TYR C 37 -21.73 -5.89 2.35
N LEU C 38 -21.42 -5.94 3.63
CA LEU C 38 -21.12 -4.77 4.44
C LEU C 38 -19.60 -4.68 4.62
N ASN C 39 -19.03 -3.51 4.35
CA ASN C 39 -17.59 -3.33 4.33
C ASN C 39 -17.21 -2.03 5.02
N TRP C 40 -15.93 -1.90 5.37
CA TRP C 40 -15.44 -0.68 5.96
C TRP C 40 -14.18 -0.23 5.25
N PHE C 41 -14.10 1.07 5.00
CA PHE C 41 -12.90 1.76 4.52
C PHE C 41 -12.23 2.51 5.67
N GLN C 42 -10.91 2.66 5.55
CA GLN C 42 -10.13 3.58 6.37
C GLN C 42 -9.48 4.62 5.46
N GLN C 43 -9.67 5.90 5.76
CA GLN C 43 -9.03 6.96 5.00
C GLN C 43 -8.14 7.78 5.92
N ARG C 44 -6.83 7.59 5.80
CA ARG C 44 -5.87 8.44 6.50
C ARG C 44 -5.83 9.85 5.88
N PRO C 45 -5.50 10.88 6.67
CA PRO C 45 -5.42 12.24 6.13
C PRO C 45 -4.52 12.31 4.91
N GLY C 46 -5.05 12.87 3.82
CA GLY C 46 -4.26 13.04 2.61
C GLY C 46 -4.00 11.79 1.81
N GLN C 47 -4.75 10.71 2.04
CA GLN C 47 -4.58 9.48 1.30
C GLN C 47 -5.94 9.02 0.77
N SER C 48 -5.89 8.07 -0.15
CA SER C 48 -7.15 7.56 -0.65
C SER C 48 -7.73 6.59 0.38
N PRO C 49 -9.03 6.32 0.30
CA PRO C 49 -9.60 5.27 1.13
C PRO C 49 -8.93 3.93 0.83
N LYS C 50 -8.92 3.06 1.84
CA LYS C 50 -8.32 1.72 1.75
C LYS C 50 -9.26 0.70 2.36
N ARG C 51 -9.28 -0.49 1.76
CA ARG C 51 -10.11 -1.56 2.29
C ARG C 51 -9.67 -1.88 3.71
N LEU C 52 -10.62 -1.92 4.64
CA LEU C 52 -10.34 -2.19 6.05
C LEU C 52 -11.00 -3.48 6.52
N ILE C 53 -12.32 -3.58 6.40
CA ILE C 53 -13.06 -4.78 6.79
C ILE C 53 -13.94 -5.17 5.62
N SER C 54 -13.91 -6.46 5.28
CA SER C 54 -14.79 -7.00 4.24
C SER C 54 -15.80 -7.96 4.88
N LEU C 55 -17.00 -8.04 4.31
CA LEU C 55 -18.07 -8.99 4.71
C LEU C 55 -18.30 -8.99 6.22
N VAL C 56 -18.56 -7.84 6.82
CA VAL C 56 -18.88 -7.64 8.26
C VAL C 56 -17.67 -7.79 9.19
N SER C 57 -16.97 -8.91 9.15
CA SER C 57 -15.90 -9.16 10.13
C SER C 57 -14.62 -9.71 9.50
N LYS C 58 -14.52 -9.85 8.20
CA LYS C 58 -13.27 -10.40 7.69
C LYS C 58 -12.25 -9.27 7.53
N LEU C 59 -11.09 -9.43 8.16
CA LEU C 59 -10.03 -8.42 8.06
C LEU C 59 -9.32 -8.47 6.72
N ASP C 60 -9.19 -7.32 6.06
CA ASP C 60 -8.43 -7.32 4.82
C ASP C 60 -6.93 -7.31 5.12
N SER C 61 -6.14 -7.48 4.06
CA SER C 61 -4.73 -7.74 4.25
C SER C 61 -4.05 -6.53 4.87
N GLY C 62 -3.10 -6.79 5.77
CA GLY C 62 -2.38 -5.73 6.44
C GLY C 62 -3.11 -5.02 7.56
N VAL C 63 -4.31 -5.46 7.91
CA VAL C 63 -5.11 -4.80 8.93
C VAL C 63 -4.77 -5.45 10.27
N PRO C 64 -4.36 -4.69 11.28
CA PRO C 64 -4.08 -5.29 12.59
C PRO C 64 -5.35 -5.82 13.24
N ASP C 65 -5.18 -6.88 14.03
CA ASP C 65 -6.30 -7.53 14.70
C ASP C 65 -6.88 -6.69 15.83
N ARG C 66 -6.38 -5.47 16.04
CA ARG C 66 -7.08 -4.53 16.91
C ARG C 66 -8.44 -4.17 16.35
N PHE C 67 -8.60 -4.30 15.02
CA PHE C 67 -9.83 -3.96 14.34
C PHE C 67 -10.77 -5.15 14.32
N SER C 68 -12.05 -4.88 14.56
CA SER C 68 -13.05 -5.92 14.57
C SER C 68 -14.32 -5.38 13.94
N GLY C 69 -15.10 -6.29 13.37
CA GLY C 69 -16.38 -5.94 12.80
C GLY C 69 -17.43 -6.95 13.20
N SER C 70 -18.66 -6.47 13.28
CA SER C 70 -19.75 -7.25 13.83
C SER C 70 -21.05 -6.68 13.29
N GLY C 71 -22.01 -7.56 13.35
CA GLY C 71 -23.34 -7.11 13.00
C GLY C 71 -24.21 -8.06 12.26
N SER C 72 -25.52 -7.94 12.46
CA SER C 72 -26.47 -8.79 11.72
C SER C 72 -27.56 -7.97 11.05
N GLY C 73 -27.66 -8.20 9.75
CA GLY C 73 -28.72 -7.70 8.86
C GLY C 73 -28.70 -6.23 8.57
N THR C 74 -28.91 -5.37 9.56
CA THR C 74 -28.96 -3.94 9.19
C THR C 74 -28.22 -3.13 10.23
N ASP C 75 -27.69 -3.77 11.24
CA ASP C 75 -26.97 -3.06 12.27
C ASP C 75 -25.56 -3.62 12.38
N PHE C 76 -24.57 -2.75 12.29
CA PHE C 76 -23.18 -3.18 12.16
C PHE C 76 -22.31 -2.32 13.06
N THR C 77 -21.20 -2.89 13.53
CA THR C 77 -20.30 -2.25 14.47
C THR C 77 -18.87 -2.43 13.98
N LEU C 78 -18.12 -1.33 13.96
CA LEU C 78 -16.67 -1.35 13.81
C LEU C 78 -16.06 -1.11 15.16
N LYS C 79 -15.10 -1.94 15.56
CA LYS C 79 -14.48 -1.85 16.88
C LYS C 79 -12.97 -1.81 16.76
N ILE C 80 -12.35 -1.04 17.65
CA ILE C 80 -10.90 -1.00 17.81
C ILE C 80 -10.63 -1.26 19.29
N SER C 81 -9.90 -2.33 19.58
CA SER C 81 -9.68 -2.72 20.96
C SER C 81 -8.92 -1.63 21.70
N ARG C 82 -7.85 -1.12 21.10
CA ARG C 82 -7.09 -0.04 21.71
C ARG C 82 -6.59 0.87 20.60
N VAL C 83 -6.87 2.16 20.74
CA VAL C 83 -6.63 3.11 19.65
C VAL C 83 -5.16 3.52 19.64
N GLU C 84 -4.57 3.49 18.45
CA GLU C 84 -3.18 3.91 18.28
C GLU C 84 -3.12 5.18 17.44
N ALA C 85 -1.94 5.82 17.41
CA ALA C 85 -1.82 7.12 16.77
C ALA C 85 -2.11 7.03 15.27
N GLU C 86 -1.67 5.95 14.62
CA GLU C 86 -1.89 5.80 13.18
C GLU C 86 -3.36 5.67 12.81
N ASP C 87 -4.28 5.51 13.77
CA ASP C 87 -5.67 5.30 13.44
C ASP C 87 -6.42 6.58 13.12
N VAL C 88 -5.81 7.75 13.32
CA VAL C 88 -6.46 9.00 12.93
C VAL C 88 -6.94 8.91 11.49
N GLY C 89 -8.19 9.30 11.26
CA GLY C 89 -8.73 9.29 9.93
C GLY C 89 -10.25 9.23 9.95
N VAL C 90 -10.80 8.95 8.79
CA VAL C 90 -12.23 8.74 8.62
C VAL C 90 -12.46 7.26 8.32
N TYR C 91 -13.52 6.71 8.93
CA TYR C 91 -13.92 5.33 8.70
C TYR C 91 -15.31 5.33 8.09
N TYR C 92 -15.46 4.61 6.98
CA TYR C 92 -16.72 4.54 6.25
C TYR C 92 -17.18 3.10 6.22
N CYS C 93 -18.47 2.89 6.49
CA CYS C 93 -19.09 1.62 6.14
C CYS C 93 -19.71 1.75 4.75
N TRP C 94 -19.65 0.68 4.00
CA TRP C 94 -20.32 0.70 2.72
C TRP C 94 -20.85 -0.68 2.41
N GLN C 95 -21.64 -0.71 1.36
CA GLN C 95 -22.62 -1.75 1.11
C GLN C 95 -22.49 -2.14 -0.34
N GLY C 96 -22.36 -3.45 -0.59
CA GLY C 96 -22.12 -3.93 -1.94
C GLY C 96 -23.07 -5.03 -2.35
N SER C 97 -24.24 -5.11 -1.71
CA SER C 97 -25.23 -6.11 -2.06
C SER C 97 -26.39 -5.54 -2.86
N HIS C 98 -26.42 -4.22 -3.06
CA HIS C 98 -27.44 -3.55 -3.86
C HIS C 98 -26.80 -2.45 -4.70
N PHE C 99 -27.27 -2.29 -5.97
CA PHE C 99 -26.77 -1.25 -6.86
C PHE C 99 -27.66 -0.03 -6.80
N PRO C 100 -27.12 1.21 -6.68
CA PRO C 100 -25.69 1.51 -6.60
C PRO C 100 -25.09 1.21 -5.23
N TYR C 101 -23.78 0.97 -5.22
CA TYR C 101 -23.05 0.93 -3.95
C TYR C 101 -23.22 2.26 -3.24
N THR C 102 -23.49 2.21 -1.95
CA THR C 102 -23.72 3.44 -1.21
C THR C 102 -22.87 3.40 0.05
N PHE C 103 -22.52 4.59 0.52
CA PHE C 103 -21.52 4.77 1.56
C PHE C 103 -22.09 5.64 2.65
N GLY C 104 -21.66 5.35 3.88
CA GLY C 104 -21.99 6.19 5.01
C GLY C 104 -21.31 7.55 4.94
N GLN C 105 -21.77 8.45 5.83
CA GLN C 105 -21.17 9.76 5.94
C GLN C 105 -19.72 9.69 6.38
N GLY C 106 -19.32 8.57 7.00
CA GLY C 106 -17.99 8.51 7.59
C GLY C 106 -17.95 8.99 9.03
N THR C 107 -17.12 8.36 9.84
CA THR C 107 -16.87 8.80 11.20
C THR C 107 -15.41 9.23 11.31
N LYS C 108 -15.19 10.44 11.79
CA LYS C 108 -13.83 10.93 11.97
C LYS C 108 -13.31 10.57 13.36
N LEU C 109 -12.15 9.93 13.42
CA LEU C 109 -11.54 9.49 14.67
C LEU C 109 -10.45 10.47 15.08
N GLU C 110 -10.67 11.12 16.22
CA GLU C 110 -9.71 12.03 16.82
C GLU C 110 -9.04 11.34 18.02
N ILE C 111 -7.79 11.67 18.24
CA ILE C 111 -6.97 11.02 19.26
C ILE C 111 -6.77 11.99 20.42
N LYS C 112 -7.01 11.51 21.64
CA LYS C 112 -6.65 12.25 22.84
C LYS C 112 -5.34 11.70 23.40
N ARG C 113 -4.32 12.56 23.49
CA ARG C 113 -2.96 12.28 23.97
C ARG C 113 -2.64 13.19 25.15
N THR C 114 -1.40 13.14 25.64
CA THR C 114 -1.00 14.04 26.72
C THR C 114 -0.97 15.48 26.24
N VAL C 115 -1.13 16.41 27.18
CA VAL C 115 -1.10 17.83 26.87
C VAL C 115 0.27 18.21 26.33
N ALA C 116 0.28 19.07 25.32
CA ALA C 116 1.52 19.60 24.75
C ALA C 116 1.33 21.08 24.41
N ALA C 117 2.21 21.92 24.94
CA ALA C 117 2.05 23.34 24.70
C ALA C 117 2.61 23.72 23.32
N PRO C 118 2.00 24.68 22.63
CA PRO C 118 2.56 25.11 21.35
C PRO C 118 3.84 25.90 21.55
N SER C 119 4.69 25.85 20.52
CA SER C 119 5.74 26.85 20.33
C SER C 119 5.15 27.94 19.44
N VAL C 120 5.34 29.19 19.84
CA VAL C 120 4.72 30.33 19.18
C VAL C 120 5.80 31.12 18.45
N PHE C 121 5.56 31.43 17.17
CA PHE C 121 6.44 32.26 16.35
C PHE C 121 5.61 33.33 15.62
N ILE C 122 6.24 34.47 15.36
CA ILE C 122 5.54 35.51 14.62
C ILE C 122 6.41 36.02 13.47
N PHE C 123 5.77 36.31 12.34
CA PHE C 123 6.45 36.75 11.15
C PHE C 123 5.80 38.07 10.73
N PRO C 124 6.56 39.16 10.65
CA PRO C 124 6.02 40.41 10.08
C PRO C 124 5.86 40.31 8.57
N PRO C 125 5.06 41.19 7.96
CA PRO C 125 4.91 41.14 6.50
C PRO C 125 6.22 41.39 5.78
N SER C 126 6.36 40.78 4.61
CA SER C 126 7.54 41.09 3.82
C SER C 126 7.39 42.49 3.23
N ASP C 127 8.52 43.17 3.07
CA ASP C 127 8.50 44.45 2.38
C ASP C 127 7.93 44.32 0.98
N GLU C 128 8.17 43.18 0.35
CA GLU C 128 7.69 42.94 -1.01
C GLU C 128 6.17 43.00 -1.05
N GLN C 129 5.52 42.32 -0.11
CA GLN C 129 4.06 42.30 -0.10
C GLN C 129 3.49 43.69 0.14
N LEU C 130 4.13 44.49 1.01
CA LEU C 130 3.64 45.83 1.29
C LEU C 130 3.57 46.69 0.05
N LYS C 131 4.49 46.50 -0.89
CA LYS C 131 4.50 47.29 -2.10
C LYS C 131 3.27 47.01 -2.96
N SER C 132 2.71 45.80 -2.84
CA SER C 132 1.47 45.47 -3.51
C SER C 132 0.26 46.07 -2.83
N GLY C 133 0.40 46.63 -1.63
CA GLY C 133 -0.70 47.27 -0.94
C GLY C 133 -1.38 46.46 0.14
N THR C 134 -0.89 45.26 0.44
CA THR C 134 -1.49 44.43 1.47
C THR C 134 -0.39 43.94 2.41
N ALA C 135 -0.76 43.72 3.69
CA ALA C 135 0.16 43.26 4.72
C ALA C 135 -0.44 42.05 5.45
N SER C 136 0.33 40.98 5.52
CA SER C 136 -0.04 39.79 6.27
C SER C 136 0.98 39.56 7.39
N VAL C 137 0.47 39.45 8.62
CA VAL C 137 1.28 39.14 9.80
C VAL C 137 0.89 37.74 10.25
N VAL C 138 1.86 36.83 10.30
CA VAL C 138 1.58 35.42 10.56
C VAL C 138 2.05 35.05 11.96
N CYS C 139 1.17 34.37 12.71
CA CYS C 139 1.47 33.77 13.99
C CYS C 139 1.33 32.26 13.86
N LEU C 140 2.35 31.53 14.29
CA LEU C 140 2.43 30.08 14.10
C LEU C 140 2.39 29.39 15.46
N LEU C 141 1.43 28.48 15.62
CA LEU C 141 1.38 27.58 16.78
C LEU C 141 1.79 26.20 16.31
N ASN C 142 2.90 25.73 16.83
CA ASN C 142 3.47 24.47 16.33
C ASN C 142 3.42 23.35 17.37
N ASN C 143 3.07 22.14 16.94
CA ASN C 143 3.11 20.87 17.70
C ASN C 143 2.43 20.91 19.07
N PHE C 144 1.12 21.12 19.08
CA PHE C 144 0.42 21.24 20.36
C PHE C 144 -0.79 20.30 20.45
N TYR C 145 -1.24 20.07 21.66
CA TYR C 145 -2.42 19.28 21.98
C TYR C 145 -2.92 19.69 23.35
N PRO C 146 -4.25 19.89 23.54
CA PRO C 146 -5.34 19.69 22.58
C PRO C 146 -5.50 20.81 21.54
N ARG C 147 -6.42 20.63 20.59
CA ARG C 147 -6.50 21.58 19.50
C ARG C 147 -7.15 22.89 19.90
N GLU C 148 -7.86 22.95 21.02
CA GLU C 148 -8.48 24.20 21.42
C GLU C 148 -7.39 25.21 21.72
N ALA C 149 -7.51 26.40 21.14
CA ALA C 149 -6.52 27.44 21.32
C ALA C 149 -7.19 28.77 21.02
N LYS C 150 -6.85 29.78 21.80
CA LYS C 150 -7.29 31.14 21.53
C LYS C 150 -6.08 31.92 21.07
N VAL C 151 -6.15 32.43 19.85
CA VAL C 151 -5.13 33.28 19.27
C VAL C 151 -5.77 34.64 19.08
N GLN C 152 -5.29 35.63 19.81
CA GLN C 152 -5.76 37.00 19.73
C GLN C 152 -4.72 37.83 19.03
N TRP C 153 -5.16 38.73 18.18
CA TRP C 153 -4.29 39.74 17.60
C TRP C 153 -4.53 41.06 18.31
N LYS C 154 -3.44 41.78 18.56
CA LYS C 154 -3.51 43.11 19.13
C LYS C 154 -2.58 44.03 18.35
N VAL C 155 -3.13 45.11 17.83
CA VAL C 155 -2.37 46.12 17.08
C VAL C 155 -2.33 47.37 17.94
N ASP C 156 -1.16 47.68 18.49
CA ASP C 156 -1.03 48.75 19.48
C ASP C 156 -2.01 48.50 20.63
N ASN C 157 -2.02 47.24 21.09
CA ASN C 157 -2.84 46.73 22.18
C ASN C 157 -4.32 46.72 21.86
N ALA C 158 -4.70 47.04 20.63
CA ALA C 158 -6.11 47.06 20.24
C ALA C 158 -6.47 45.70 19.68
N LEU C 159 -7.40 45.03 20.34
CA LEU C 159 -7.82 43.70 19.90
C LEU C 159 -8.45 43.76 18.52
N GLN C 160 -7.92 42.95 17.61
CA GLN C 160 -8.43 42.85 16.26
C GLN C 160 -9.59 41.87 16.23
N SER C 161 -10.48 42.04 15.25
CA SER C 161 -11.66 41.19 15.28
C SER C 161 -11.95 40.51 13.94
N GLY C 162 -12.43 41.26 12.95
CA GLY C 162 -12.81 40.62 11.71
C GLY C 162 -11.77 40.47 10.59
N ASN C 163 -10.48 40.56 10.91
CA ASN C 163 -9.46 40.56 9.86
C ASN C 163 -8.47 39.41 9.98
N SER C 164 -8.85 38.32 10.63
CA SER C 164 -7.97 37.20 10.89
C SER C 164 -8.50 35.98 10.16
N GLN C 165 -7.60 35.12 9.75
CA GLN C 165 -7.96 33.79 9.30
C GLN C 165 -7.01 32.78 9.94
N GLU C 166 -7.55 31.61 10.24
CA GLU C 166 -6.78 30.55 10.87
C GLU C 166 -6.85 29.28 10.04
N SER C 167 -5.79 28.49 10.12
CA SER C 167 -5.73 27.23 9.41
C SER C 167 -5.04 26.22 10.32
N VAL C 168 -5.58 25.01 10.39
CA VAL C 168 -5.04 23.98 11.27
C VAL C 168 -4.68 22.75 10.45
N THR C 169 -3.53 22.17 10.76
CA THR C 169 -3.19 20.86 10.23
C THR C 169 -4.14 19.79 10.79
N GLU C 170 -4.21 18.67 10.07
CA GLU C 170 -4.77 17.44 10.63
C GLU C 170 -3.86 16.97 11.74
N GLN C 171 -4.39 16.21 12.69
CA GLN C 171 -3.47 15.86 13.76
C GLN C 171 -2.52 14.78 13.25
N ASP C 172 -1.27 14.88 13.72
CA ASP C 172 -0.20 14.02 13.23
C ASP C 172 -0.51 12.56 13.54
N SER C 173 -0.24 11.70 12.56
CA SER C 173 -0.48 10.28 12.71
C SER C 173 0.61 9.59 13.51
N LYS C 174 1.68 10.30 13.88
CA LYS C 174 2.68 9.78 14.80
C LYS C 174 2.67 10.47 16.16
N ASP C 175 2.58 11.80 16.17
CA ASP C 175 2.64 12.60 17.39
C ASP C 175 1.28 12.85 17.99
N SER C 176 0.22 12.73 17.18
CA SER C 176 -1.12 13.18 17.55
C SER C 176 -1.17 14.68 17.86
N THR C 177 -0.23 15.48 17.39
CA THR C 177 -0.28 16.92 17.67
C THR C 177 -0.95 17.67 16.53
N TYR C 178 -1.21 18.95 16.80
CA TYR C 178 -1.72 19.91 15.83
C TYR C 178 -0.69 21.01 15.65
N SER C 179 -0.76 21.68 14.49
CA SER C 179 -0.11 22.95 14.27
C SER C 179 -1.14 23.91 13.66
N LEU C 180 -0.96 25.20 13.96
CA LEU C 180 -1.97 26.18 13.57
C LEU C 180 -1.29 27.46 13.08
N SER C 181 -1.88 28.07 12.07
CA SER C 181 -1.48 29.40 11.63
C SER C 181 -2.64 30.36 11.79
N SER C 182 -2.32 31.58 12.20
CA SER C 182 -3.28 32.67 12.20
C SER C 182 -2.67 33.82 11.41
N THR C 183 -3.42 34.34 10.44
CA THR C 183 -2.92 35.33 9.50
C THR C 183 -3.78 36.60 9.60
N LEU C 184 -3.15 37.70 10.01
CA LEU C 184 -3.81 38.98 10.12
C LEU C 184 -3.52 39.78 8.84
N THR C 185 -4.57 40.26 8.19
CA THR C 185 -4.41 40.95 6.92
C THR C 185 -4.88 42.40 7.05
N LEU C 186 -4.03 43.32 6.63
CA LEU C 186 -4.33 44.75 6.64
C LEU C 186 -3.92 45.36 5.32
N SER C 187 -4.45 46.55 5.04
CA SER C 187 -3.93 47.34 3.95
C SER C 187 -2.60 47.94 4.37
N LYS C 188 -1.76 48.22 3.38
CA LYS C 188 -0.49 48.89 3.64
C LYS C 188 -0.70 50.14 4.47
N ALA C 189 -1.74 50.93 4.14
CA ALA C 189 -1.98 52.18 4.87
C ALA C 189 -2.12 51.94 6.36
N ASP C 190 -2.92 50.95 6.74
CA ASP C 190 -3.16 50.71 8.16
C ASP C 190 -1.96 50.06 8.84
N TYR C 191 -1.29 49.14 8.15
CA TYR C 191 -0.09 48.56 8.74
C TYR C 191 0.93 49.64 9.01
N GLU C 192 0.96 50.67 8.17
CA GLU C 192 1.93 51.75 8.33
C GLU C 192 1.54 52.70 9.44
N LYS C 193 0.29 52.67 9.90
CA LYS C 193 -0.12 53.58 10.97
C LYS C 193 0.36 53.14 12.36
N HIS C 194 0.62 51.86 12.59
CA HIS C 194 0.81 51.37 13.94
C HIS C 194 2.18 50.75 14.13
N LYS C 195 2.58 50.64 15.41
CA LYS C 195 3.92 50.19 15.78
C LYS C 195 3.93 48.72 16.21
N VAL C 196 3.15 48.38 17.22
CA VAL C 196 3.25 47.10 17.92
C VAL C 196 2.22 46.14 17.37
N TYR C 197 2.68 45.00 16.85
CA TYR C 197 1.82 43.92 16.41
C TYR C 197 2.08 42.71 17.30
N ALA C 198 1.04 42.22 17.96
CA ALA C 198 1.19 41.20 18.97
C ALA C 198 0.25 40.03 18.69
N CYS C 199 0.80 38.83 18.85
CA CYS C 199 0.05 37.59 18.78
C CYS C 199 -0.02 37.01 20.19
N GLU C 200 -1.22 36.87 20.71
CA GLU C 200 -1.43 36.41 22.08
C GLU C 200 -2.13 35.05 22.07
N VAL C 201 -1.52 34.07 22.72
CA VAL C 201 -1.94 32.68 22.60
C VAL C 201 -2.27 32.15 23.98
N THR C 202 -3.44 31.54 24.12
CA THR C 202 -3.78 30.80 25.32
C THR C 202 -4.05 29.35 24.96
N HIS C 203 -3.61 28.46 25.82
CA HIS C 203 -3.72 27.04 25.55
C HIS C 203 -3.59 26.32 26.89
N GLN C 204 -4.30 25.19 27.00
CA GLN C 204 -4.28 24.46 28.26
C GLN C 204 -2.87 24.13 28.69
N GLY C 205 -1.96 23.96 27.73
CA GLY C 205 -0.58 23.68 28.01
C GLY C 205 0.25 24.87 28.45
N LEU C 206 -0.36 26.04 28.63
CA LEU C 206 0.36 27.24 29.03
C LEU C 206 -0.13 27.71 30.39
N SER C 207 0.80 27.92 31.31
CA SER C 207 0.46 28.41 32.63
C SER C 207 -0.06 29.83 32.56
N SER C 208 0.51 30.63 31.67
CA SER C 208 0.19 32.00 31.35
C SER C 208 0.13 32.11 29.85
N PRO C 209 -0.71 32.98 29.32
CA PRO C 209 -0.70 33.20 27.87
C PRO C 209 0.64 33.71 27.39
N VAL C 210 0.98 33.33 26.18
CA VAL C 210 2.25 33.73 25.58
C VAL C 210 1.96 34.80 24.54
N THR C 211 2.76 35.85 24.55
CA THR C 211 2.68 36.92 23.57
C THR C 211 3.95 36.93 22.75
N LYS C 212 3.80 36.95 21.43
CA LYS C 212 4.89 37.26 20.52
C LYS C 212 4.54 38.58 19.85
N SER C 213 5.51 39.48 19.76
CA SER C 213 5.22 40.81 19.29
C SER C 213 6.45 41.46 18.66
N PHE C 214 6.22 42.50 17.86
CA PHE C 214 7.29 43.29 17.27
C PHE C 214 6.77 44.70 16.98
N ASN C 215 7.76 45.58 16.89
CA ASN C 215 7.57 47.05 16.82
C ASN C 215 7.78 47.67 15.46
N ARG C 216 7.85 46.92 14.37
CA ARG C 216 7.90 47.55 13.03
C ARG C 216 9.04 48.56 12.94
N GLY C 217 10.24 48.13 13.30
CA GLY C 217 11.48 48.93 13.30
C GLY C 217 12.57 48.26 14.13
N GLN D 1 0.45 -6.44 -8.85
CA GLN D 1 -0.13 -5.23 -8.29
C GLN D 1 -0.51 -4.23 -9.38
N VAL D 2 -1.45 -3.35 -9.07
CA VAL D 2 -1.96 -2.35 -10.01
C VAL D 2 -1.68 -0.96 -9.46
N GLN D 3 -1.19 -0.07 -10.31
CA GLN D 3 -1.00 1.32 -9.93
C GLN D 3 -1.93 2.17 -10.81
N LEU D 4 -2.60 3.14 -10.21
CA LEU D 4 -3.54 3.97 -10.93
C LEU D 4 -3.18 5.42 -10.69
N GLN D 5 -3.38 6.25 -11.70
CA GLN D 5 -3.25 7.68 -11.52
C GLN D 5 -4.27 8.41 -12.39
N GLU D 6 -5.00 9.32 -11.76
CA GLU D 6 -5.95 10.15 -12.49
C GLU D 6 -5.27 11.44 -12.95
N SER D 7 -5.69 11.91 -14.12
CA SER D 7 -5.17 13.12 -14.74
C SER D 7 -6.32 13.82 -15.44
N GLY D 8 -6.24 15.15 -15.53
CA GLY D 8 -7.27 15.96 -16.15
C GLY D 8 -7.30 17.37 -15.59
N PRO D 9 -8.11 18.24 -16.19
CA PRO D 9 -8.18 19.63 -15.69
C PRO D 9 -8.84 19.72 -14.31
N GLY D 10 -8.21 20.51 -13.43
CA GLY D 10 -8.72 20.74 -12.10
C GLY D 10 -9.85 21.75 -12.01
N LEU D 11 -10.13 22.45 -13.10
CA LEU D 11 -11.13 23.52 -13.14
C LEU D 11 -12.07 23.27 -14.30
N VAL D 12 -13.37 23.43 -14.04
CA VAL D 12 -14.40 23.25 -15.06
C VAL D 12 -15.45 24.34 -14.89
N LYS D 13 -15.79 25.02 -15.99
CA LYS D 13 -16.80 26.06 -15.90
C LYS D 13 -18.18 25.43 -15.71
N PRO D 14 -19.05 26.06 -14.93
CA PRO D 14 -20.41 25.51 -14.75
C PRO D 14 -21.12 25.28 -16.07
N SER D 15 -21.83 24.16 -16.16
CA SER D 15 -22.61 23.63 -17.29
C SER D 15 -21.73 23.08 -18.40
N GLN D 16 -20.40 23.16 -18.26
CA GLN D 16 -19.49 22.57 -19.21
C GLN D 16 -19.29 21.10 -18.83
N THR D 17 -18.45 20.41 -19.58
CA THR D 17 -18.23 18.99 -19.38
C THR D 17 -16.90 18.79 -18.66
N LEU D 18 -16.89 17.93 -17.64
CA LEU D 18 -15.68 17.56 -16.92
C LEU D 18 -15.11 16.28 -17.50
N SER D 19 -13.82 16.28 -17.82
CA SER D 19 -13.13 15.11 -18.36
C SER D 19 -11.92 14.75 -17.51
N LEU D 20 -11.82 13.47 -17.15
CA LEU D 20 -10.73 12.89 -16.38
C LEU D 20 -10.31 11.56 -16.97
N THR D 21 -9.02 11.25 -16.87
CA THR D 21 -8.48 9.99 -17.34
C THR D 21 -7.73 9.29 -16.20
N CYS D 22 -7.82 7.96 -16.16
CA CYS D 22 -7.03 7.16 -15.24
C CYS D 22 -6.10 6.25 -16.03
N THR D 23 -4.79 6.40 -15.82
CA THR D 23 -3.81 5.53 -16.45
C THR D 23 -3.48 4.38 -15.50
N VAL D 24 -3.52 3.16 -16.01
CA VAL D 24 -3.37 1.96 -15.21
C VAL D 24 -2.07 1.28 -15.61
N SER D 25 -1.24 1.01 -14.62
CA SER D 25 -0.02 0.25 -14.79
C SER D 25 -0.10 -1.06 -14.01
N GLY D 26 0.52 -2.11 -14.53
CA GLY D 26 0.61 -3.39 -13.85
C GLY D 26 -0.44 -4.41 -14.26
N ASP D 27 -1.55 -3.99 -14.86
CA ASP D 27 -2.58 -4.89 -15.37
C ASP D 27 -3.27 -4.20 -16.54
N SER D 28 -3.76 -5.01 -17.48
CA SER D 28 -4.39 -4.46 -18.68
C SER D 28 -5.86 -4.18 -18.40
N ILE D 29 -6.34 -3.04 -18.90
CA ILE D 29 -7.75 -2.68 -18.71
C ILE D 29 -8.67 -3.43 -19.66
N THR D 30 -8.12 -4.32 -20.49
CA THR D 30 -8.97 -5.18 -21.27
C THR D 30 -9.80 -6.15 -20.43
N SER D 31 -9.45 -6.37 -19.17
CA SER D 31 -9.96 -7.58 -18.51
C SER D 31 -10.80 -7.39 -17.26
N GLY D 32 -10.64 -6.33 -16.48
CA GLY D 32 -11.27 -6.33 -15.17
C GLY D 32 -12.50 -5.47 -15.04
N TYR D 33 -12.67 -4.87 -13.87
CA TYR D 33 -13.63 -3.82 -13.65
C TYR D 33 -12.85 -2.60 -13.20
N TRP D 34 -13.32 -1.43 -13.60
CA TRP D 34 -12.59 -0.21 -13.35
C TRP D 34 -13.60 0.87 -12.95
N ASN D 35 -13.47 1.37 -11.72
CA ASN D 35 -14.47 2.20 -11.08
C ASN D 35 -14.05 3.67 -11.01
N TRP D 36 -15.06 4.53 -10.97
CA TRP D 36 -14.92 5.92 -10.55
C TRP D 36 -15.79 6.16 -9.33
N ILE D 37 -15.28 6.97 -8.41
CA ILE D 37 -15.94 7.28 -7.15
C ILE D 37 -15.45 8.64 -6.74
N ARG D 38 -16.31 9.43 -6.10
CA ARG D 38 -15.96 10.82 -5.81
C ARG D 38 -16.28 11.18 -4.38
N GLN D 39 -15.62 12.24 -3.93
CA GLN D 39 -15.70 12.68 -2.54
C GLN D 39 -15.87 14.19 -2.53
N PRO D 40 -17.12 14.68 -2.47
CA PRO D 40 -17.33 16.12 -2.35
C PRO D 40 -16.86 16.59 -1.00
N PRO D 41 -16.48 17.87 -0.88
CA PRO D 41 -15.96 18.39 0.41
C PRO D 41 -16.84 18.10 1.61
N GLY D 42 -18.05 18.64 1.62
CA GLY D 42 -18.86 18.44 2.80
C GLY D 42 -19.50 17.08 2.94
N LYS D 43 -19.11 16.09 2.15
CA LYS D 43 -19.82 14.82 2.13
C LYS D 43 -18.84 13.65 2.18
N GLY D 44 -19.42 12.46 2.21
CA GLY D 44 -18.69 11.22 2.19
C GLY D 44 -18.41 10.79 0.77
N LEU D 45 -18.57 9.51 0.46
CA LEU D 45 -18.22 8.97 -0.84
C LEU D 45 -19.47 8.71 -1.66
N GLU D 46 -19.37 8.96 -2.96
CA GLU D 46 -20.46 8.75 -3.89
C GLU D 46 -19.93 7.90 -5.03
N TYR D 47 -20.50 6.72 -5.19
CA TYR D 47 -20.08 5.85 -6.27
C TYR D 47 -20.61 6.39 -7.61
N ILE D 48 -19.75 6.38 -8.62
CA ILE D 48 -20.10 6.88 -9.94
C ILE D 48 -20.44 5.74 -10.88
N GLY D 49 -19.56 4.77 -11.02
CA GLY D 49 -19.86 3.62 -11.83
C GLY D 49 -18.60 2.90 -12.26
N TYR D 50 -18.78 2.02 -13.24
CA TYR D 50 -17.66 1.23 -13.71
C TYR D 50 -17.80 0.93 -15.20
N ILE D 51 -16.68 0.51 -15.79
CA ILE D 51 -16.67 -0.16 -17.08
C ILE D 51 -15.96 -1.50 -16.90
N ARG D 52 -16.52 -2.54 -17.51
CA ARG D 52 -15.95 -3.86 -17.33
C ARG D 52 -15.25 -4.30 -18.61
N TYR D 53 -14.73 -5.52 -18.63
CA TYR D 53 -13.90 -6.16 -19.68
C TYR D 53 -14.44 -6.00 -21.10
N SER D 54 -15.72 -5.78 -21.27
CA SER D 54 -16.27 -5.83 -22.61
C SER D 54 -16.71 -4.46 -23.13
N GLY D 55 -16.48 -3.40 -22.35
CA GLY D 55 -17.01 -2.09 -22.65
C GLY D 55 -18.35 -1.81 -21.99
N ARG D 56 -18.96 -2.83 -21.40
CA ARG D 56 -20.20 -2.65 -20.69
C ARG D 56 -20.00 -1.79 -19.45
N THR D 57 -20.99 -0.95 -19.16
CA THR D 57 -20.89 0.05 -18.11
C THR D 57 -22.06 -0.06 -17.14
N TYR D 58 -21.84 0.37 -15.90
CA TYR D 58 -22.90 0.62 -14.94
C TYR D 58 -22.71 2.03 -14.41
N TYR D 59 -23.79 2.80 -14.35
CA TYR D 59 -23.73 4.18 -13.90
C TYR D 59 -24.64 4.37 -12.71
N ASN D 60 -24.17 5.10 -11.71
CA ASN D 60 -25.04 5.45 -10.59
C ASN D 60 -26.23 6.27 -11.09
N PRO D 61 -27.46 5.76 -10.98
CA PRO D 61 -28.63 6.52 -11.46
C PRO D 61 -28.78 7.91 -10.86
N SER D 62 -28.10 8.20 -9.76
CA SER D 62 -28.07 9.58 -9.27
C SER D 62 -27.48 10.51 -10.31
N LEU D 63 -26.61 9.98 -11.17
CA LEU D 63 -25.88 10.77 -12.14
C LEU D 63 -26.04 10.29 -13.58
N LYS D 64 -26.65 9.12 -13.80
CA LYS D 64 -26.50 8.39 -15.06
C LYS D 64 -26.92 9.21 -16.29
N SER D 65 -27.80 10.19 -16.11
CA SER D 65 -28.19 11.06 -17.21
C SER D 65 -27.04 11.90 -17.76
N ARG D 66 -25.99 12.13 -16.96
CA ARG D 66 -24.89 13.00 -17.35
C ARG D 66 -23.54 12.31 -17.41
N VAL D 67 -23.45 10.99 -17.23
CA VAL D 67 -22.16 10.34 -17.00
C VAL D 67 -21.85 9.41 -18.16
N THR D 68 -20.57 9.37 -18.53
CA THR D 68 -20.07 8.41 -19.48
C THR D 68 -18.75 7.89 -18.93
N ILE D 69 -18.57 6.58 -18.97
CA ILE D 69 -17.29 5.96 -18.64
C ILE D 69 -16.87 5.15 -19.85
N SER D 70 -15.61 5.33 -20.25
CA SER D 70 -15.05 4.68 -21.42
C SER D 70 -13.63 4.26 -21.11
N ARG D 71 -13.01 3.59 -22.08
CA ARG D 71 -11.65 3.11 -21.92
C ARG D 71 -10.95 3.19 -23.27
N ASP D 72 -9.62 3.32 -23.22
CA ASP D 72 -8.75 3.26 -24.38
C ASP D 72 -7.75 2.15 -24.10
N THR D 73 -8.03 0.95 -24.62
CA THR D 73 -7.12 -0.16 -24.39
C THR D 73 -5.74 0.06 -24.98
N SER D 74 -5.60 0.96 -25.96
CA SER D 74 -4.29 1.22 -26.56
C SER D 74 -3.35 1.92 -25.61
N LYS D 75 -3.87 2.75 -24.71
CA LYS D 75 -3.07 3.49 -23.75
C LYS D 75 -3.24 2.95 -22.32
N ASN D 76 -3.89 1.79 -22.16
CA ASN D 76 -4.19 1.21 -20.83
C ASN D 76 -4.78 2.25 -19.88
N GLN D 77 -5.78 2.97 -20.37
CA GLN D 77 -6.43 3.97 -19.57
C GLN D 77 -7.93 3.92 -19.81
N PHE D 78 -8.71 4.24 -18.76
CA PHE D 78 -10.14 4.45 -18.90
C PHE D 78 -10.45 5.85 -18.37
N SER D 79 -11.64 6.36 -18.69
CA SER D 79 -11.87 7.78 -18.47
C SER D 79 -13.29 8.05 -17.97
N LEU D 80 -13.47 9.28 -17.47
CA LEU D 80 -14.73 9.71 -16.89
C LEU D 80 -15.17 11.00 -17.56
N LYS D 81 -16.43 11.04 -17.97
CA LYS D 81 -17.05 12.22 -18.56
C LYS D 81 -18.33 12.53 -17.81
N LEU D 82 -18.41 13.74 -17.24
CA LEU D 82 -19.59 14.22 -16.53
C LEU D 82 -20.02 15.57 -17.09
N SER D 83 -21.17 15.61 -17.76
CA SER D 83 -21.63 16.83 -18.41
C SER D 83 -22.54 17.66 -17.50
N SER D 84 -22.70 18.93 -17.87
CA SER D 84 -23.57 19.88 -17.19
C SER D 84 -23.25 19.98 -15.70
N VAL D 85 -21.98 20.24 -15.39
CA VAL D 85 -21.54 20.22 -13.99
C VAL D 85 -22.14 21.40 -13.25
N THR D 86 -22.28 21.25 -11.94
CA THR D 86 -22.59 22.34 -11.04
C THR D 86 -21.61 22.30 -9.89
N ALA D 87 -21.70 23.30 -9.01
CA ALA D 87 -20.82 23.33 -7.86
C ALA D 87 -20.95 22.08 -7.01
N ALA D 88 -22.08 21.38 -7.11
CA ALA D 88 -22.28 20.11 -6.41
C ALA D 88 -21.37 19.00 -6.93
N ASP D 89 -20.80 19.15 -8.12
CA ASP D 89 -19.88 18.17 -8.69
C ASP D 89 -18.43 18.46 -8.33
N THR D 90 -18.17 19.54 -7.58
CA THR D 90 -16.87 19.76 -6.99
C THR D 90 -16.56 18.66 -5.96
N ALA D 91 -15.47 17.95 -6.18
CA ALA D 91 -15.13 16.76 -5.41
C ALA D 91 -13.72 16.34 -5.77
N VAL D 92 -13.17 15.45 -4.95
CA VAL D 92 -12.01 14.66 -5.35
C VAL D 92 -12.53 13.43 -6.08
N TYR D 93 -11.95 13.14 -7.23
CA TYR D 93 -12.31 11.99 -8.03
C TYR D 93 -11.22 10.94 -7.90
N TYR D 94 -11.63 9.71 -7.59
CA TYR D 94 -10.71 8.59 -7.54
C TYR D 94 -11.09 7.60 -8.62
N CYS D 95 -10.08 6.98 -9.22
CA CYS D 95 -10.29 5.74 -9.95
C CYS D 95 -9.79 4.58 -9.08
N ALA D 96 -10.34 3.40 -9.30
CA ALA D 96 -9.96 2.26 -8.48
C ALA D 96 -10.23 0.97 -9.24
N SER D 97 -9.48 -0.08 -8.87
CA SER D 97 -9.58 -1.41 -9.47
C SER D 97 -10.79 -2.16 -8.90
N VAL D 98 -11.00 -3.38 -9.41
CA VAL D 98 -12.15 -4.18 -8.99
C VAL D 98 -12.09 -4.44 -7.49
N TYR D 99 -13.27 -4.41 -6.86
CA TYR D 99 -13.41 -4.55 -5.42
C TYR D 99 -12.72 -3.45 -4.64
N PHE D 100 -12.40 -2.33 -5.31
CA PHE D 100 -11.74 -1.19 -4.68
C PHE D 100 -10.43 -1.60 -4.02
N THR D 101 -9.78 -2.62 -4.59
CA THR D 101 -8.52 -3.07 -4.00
C THR D 101 -7.42 -2.01 -4.15
N TYR D 102 -7.24 -1.47 -5.35
CA TYR D 102 -6.20 -0.48 -5.61
C TYR D 102 -6.84 0.85 -5.99
N TRP D 103 -6.19 1.93 -5.60
CA TRP D 103 -6.74 3.27 -5.78
C TRP D 103 -5.74 4.17 -6.47
N GLY D 104 -6.27 5.14 -7.19
CA GLY D 104 -5.50 6.29 -7.59
C GLY D 104 -5.30 7.24 -6.43
N GLN D 105 -4.56 8.30 -6.70
CA GLN D 105 -4.24 9.28 -5.67
C GLN D 105 -5.37 10.26 -5.47
N GLY D 106 -6.32 10.31 -6.39
CA GLY D 106 -7.42 11.25 -6.39
C GLY D 106 -6.99 12.55 -7.03
N THR D 107 -7.93 13.22 -7.68
CA THR D 107 -7.63 14.50 -8.29
C THR D 107 -8.79 15.45 -8.05
N LEU D 108 -8.46 16.65 -7.61
CA LEU D 108 -9.47 17.65 -7.28
C LEU D 108 -9.94 18.38 -8.52
N VAL D 109 -11.26 18.43 -8.73
CA VAL D 109 -11.85 19.26 -9.78
C VAL D 109 -12.77 20.28 -9.15
N THR D 110 -12.60 21.54 -9.53
CA THR D 110 -13.36 22.65 -8.96
C THR D 110 -14.29 23.20 -10.03
N VAL D 111 -15.56 23.35 -9.67
CA VAL D 111 -16.56 23.89 -10.59
C VAL D 111 -16.75 25.35 -10.26
N SER D 112 -16.37 26.22 -11.20
CA SER D 112 -16.38 27.65 -10.98
C SER D 112 -16.15 28.31 -12.31
N SER D 113 -16.81 29.44 -12.54
CA SER D 113 -16.55 30.22 -13.76
C SER D 113 -15.38 31.17 -13.61
N ALA D 114 -14.76 31.24 -12.45
CA ALA D 114 -13.63 32.13 -12.26
C ALA D 114 -12.40 31.60 -13.00
N SER D 115 -11.53 32.52 -13.38
CA SER D 115 -10.30 32.21 -14.09
C SER D 115 -9.22 31.71 -13.15
N THR D 116 -8.32 30.89 -13.70
CA THR D 116 -7.13 30.45 -12.99
C THR D 116 -6.19 31.63 -12.73
N LYS D 117 -5.41 31.53 -11.67
CA LYS D 117 -4.44 32.57 -11.36
C LYS D 117 -3.33 31.94 -10.53
N GLY D 118 -2.08 32.19 -10.93
CA GLY D 118 -0.96 31.67 -10.18
C GLY D 118 -0.74 32.42 -8.89
N PRO D 119 0.06 31.86 -8.00
CA PRO D 119 0.21 32.45 -6.65
C PRO D 119 1.32 33.49 -6.56
N SER D 120 1.13 34.44 -5.66
CA SER D 120 2.25 35.24 -5.20
C SER D 120 2.91 34.52 -4.04
N VAL D 121 4.22 34.67 -3.92
CA VAL D 121 4.99 33.94 -2.92
C VAL D 121 5.85 34.91 -2.11
N PHE D 122 5.49 35.13 -0.84
CA PHE D 122 6.27 36.03 0.01
C PHE D 122 6.95 35.25 1.12
N PRO D 123 8.15 35.67 1.53
CA PRO D 123 8.90 34.90 2.53
C PRO D 123 8.41 35.21 3.94
N LEU D 124 8.33 34.15 4.76
CA LEU D 124 8.17 34.29 6.21
C LEU D 124 9.57 34.19 6.82
N ALA D 125 10.21 35.33 7.02
CA ALA D 125 11.63 35.35 7.31
C ALA D 125 11.89 35.00 8.77
N PRO D 126 12.82 34.10 9.04
CA PRO D 126 13.18 33.83 10.43
C PRO D 126 13.88 35.04 11.03
N SER D 127 13.46 35.42 12.24
CA SER D 127 14.08 36.49 13.00
C SER D 127 14.40 35.99 14.41
N SER D 128 14.74 36.91 15.31
CA SER D 128 14.83 36.55 16.72
C SER D 128 13.48 36.22 17.31
N LYS D 129 12.42 36.63 16.64
CA LYS D 129 11.08 36.46 17.15
C LYS D 129 10.41 35.20 16.64
N SER D 130 11.07 34.45 15.75
CA SER D 130 10.63 33.12 15.37
C SER D 130 11.68 32.07 15.71
N THR D 131 12.48 32.31 16.74
CA THR D 131 13.48 31.34 17.14
C THR D 131 13.31 31.04 18.63
N SER D 132 13.24 29.75 18.95
CA SER D 132 13.01 29.26 20.30
C SER D 132 14.19 28.37 20.69
N GLY D 133 15.14 28.96 21.40
CA GLY D 133 16.33 28.22 21.78
C GLY D 133 17.11 27.85 20.53
N GLY D 134 17.23 26.55 20.28
CA GLY D 134 17.95 26.09 19.11
C GLY D 134 17.14 26.03 17.85
N THR D 135 15.83 26.18 17.94
CA THR D 135 14.91 25.99 16.82
C THR D 135 14.46 27.33 16.29
N ALA D 136 14.56 27.50 14.97
CA ALA D 136 13.98 28.65 14.30
C ALA D 136 12.94 28.19 13.28
N ALA D 137 11.88 28.95 13.16
CA ALA D 137 10.85 28.71 12.17
C ALA D 137 11.02 29.68 11.02
N LEU D 138 10.77 29.20 9.80
CA LEU D 138 10.71 30.08 8.63
C LEU D 138 9.71 29.51 7.64
N GLY D 139 9.26 30.34 6.71
CA GLY D 139 8.25 29.86 5.79
C GLY D 139 8.04 30.73 4.56
N CYS D 140 7.02 30.35 3.80
CA CYS D 140 6.56 30.98 2.58
C CYS D 140 5.06 31.20 2.66
N LEU D 141 4.64 32.41 2.32
CA LEU D 141 3.23 32.74 2.24
C LEU D 141 2.82 32.69 0.78
N VAL D 142 1.88 31.79 0.46
CA VAL D 142 1.46 31.52 -0.91
C VAL D 142 0.05 32.07 -1.04
N LYS D 143 -0.07 33.22 -1.69
CA LYS D 143 -1.27 34.04 -1.61
C LYS D 143 -1.88 34.23 -2.99
N ASP D 144 -3.21 34.29 -3.00
CA ASP D 144 -3.99 34.79 -4.14
C ASP D 144 -3.86 33.89 -5.38
N TYR D 145 -4.21 32.62 -5.21
CA TYR D 145 -4.21 31.72 -6.34
C TYR D 145 -5.56 31.06 -6.48
N PHE D 146 -5.84 30.59 -7.69
CA PHE D 146 -7.07 29.86 -7.92
C PHE D 146 -6.86 29.00 -9.15
N PRO D 147 -7.37 27.76 -9.18
CA PRO D 147 -8.00 27.09 -8.05
C PRO D 147 -6.98 26.29 -7.27
N GLU D 148 -7.47 25.51 -6.29
CA GLU D 148 -6.63 24.52 -5.62
C GLU D 148 -6.29 23.40 -6.60
N PRO D 149 -5.14 22.73 -6.41
CA PRO D 149 -4.17 22.95 -5.32
C PRO D 149 -2.84 23.51 -5.78
N VAL D 150 -2.04 23.95 -4.82
CA VAL D 150 -0.61 24.20 -5.00
C VAL D 150 0.14 23.08 -4.31
N THR D 151 1.31 22.76 -4.84
CA THR D 151 2.26 21.87 -4.19
C THR D 151 3.41 22.73 -3.69
N VAL D 152 3.79 22.50 -2.43
CA VAL D 152 4.86 23.27 -1.80
C VAL D 152 5.96 22.32 -1.38
N SER D 153 7.17 22.60 -1.82
CA SER D 153 8.32 21.83 -1.41
C SER D 153 9.42 22.77 -0.95
N TRP D 154 10.42 22.19 -0.30
CA TRP D 154 11.53 22.92 0.30
C TRP D 154 12.83 22.33 -0.22
N ASN D 155 13.69 23.21 -0.75
CA ASN D 155 14.96 22.83 -1.35
C ASN D 155 14.78 21.65 -2.30
N SER D 156 13.77 21.79 -3.18
CA SER D 156 13.50 20.82 -4.24
C SER D 156 13.28 19.41 -3.70
N GLY D 157 12.67 19.34 -2.52
CA GLY D 157 12.36 18.08 -1.89
C GLY D 157 13.39 17.60 -0.90
N ALA D 158 14.52 18.29 -0.77
CA ALA D 158 15.56 17.85 0.17
C ALA D 158 15.15 18.06 1.62
N LEU D 159 14.26 18.99 1.89
CA LEU D 159 13.87 19.34 3.26
C LEU D 159 12.42 18.92 3.48
N THR D 160 12.23 17.83 4.22
CA THR D 160 10.92 17.26 4.51
C THR D 160 10.57 17.31 5.99
N SER D 161 11.47 16.89 6.86
CA SER D 161 11.13 16.85 8.28
C SER D 161 10.91 18.27 8.80
N GLY D 162 9.90 18.43 9.65
CA GLY D 162 9.58 19.73 10.19
C GLY D 162 8.73 20.63 9.32
N VAL D 163 8.29 20.16 8.14
CA VAL D 163 7.50 21.00 7.25
C VAL D 163 6.02 20.86 7.58
N HIS D 164 5.35 22.00 7.73
CA HIS D 164 3.89 22.04 7.79
C HIS D 164 3.40 22.98 6.72
N THR D 165 2.65 22.45 5.78
CA THR D 165 1.90 23.25 4.82
C THR D 165 0.44 23.23 5.22
N PHE D 166 -0.08 24.38 5.55
CA PHE D 166 -1.43 24.45 6.10
C PHE D 166 -2.47 24.32 5.00
N PRO D 167 -3.66 23.85 5.34
CA PRO D 167 -4.75 23.81 4.36
C PRO D 167 -5.03 25.21 3.83
N ALA D 168 -5.37 25.29 2.55
CA ALA D 168 -5.65 26.59 1.98
C ALA D 168 -6.93 27.17 2.56
N VAL D 169 -7.01 28.48 2.59
CA VAL D 169 -8.23 29.14 3.02
C VAL D 169 -8.72 30.05 1.91
N LEU D 170 -10.05 30.09 1.73
CA LEU D 170 -10.67 30.93 0.73
C LEU D 170 -10.88 32.31 1.33
N GLN D 171 -10.22 33.31 0.76
CA GLN D 171 -10.41 34.70 1.15
C GLN D 171 -11.64 35.27 0.46
N SER D 172 -12.15 36.40 0.94
CA SER D 172 -13.34 36.98 0.32
C SER D 172 -13.09 37.44 -1.12
N SER D 173 -11.84 37.60 -1.54
CA SER D 173 -11.56 37.85 -2.95
C SER D 173 -11.89 36.65 -3.82
N GLY D 174 -12.18 35.50 -3.24
CA GLY D 174 -12.33 34.30 -4.03
C GLY D 174 -11.03 33.63 -4.35
N LEU D 175 -9.94 34.08 -3.76
CA LEU D 175 -8.63 33.49 -3.98
C LEU D 175 -8.17 32.70 -2.75
N TYR D 176 -7.38 31.69 -3.00
CA TYR D 176 -6.88 30.87 -1.92
C TYR D 176 -5.58 31.45 -1.39
N SER D 177 -5.25 31.03 -0.17
CA SER D 177 -4.03 31.48 0.47
C SER D 177 -3.65 30.47 1.54
N LEU D 178 -2.34 30.28 1.70
CA LEU D 178 -1.82 29.42 2.76
C LEU D 178 -0.37 29.78 3.04
N SER D 179 0.13 29.26 4.15
CA SER D 179 1.52 29.35 4.52
C SER D 179 2.12 27.96 4.63
N SER D 180 3.40 27.87 4.32
CA SER D 180 4.18 26.67 4.53
C SER D 180 5.38 27.06 5.36
N VAL D 181 5.58 26.37 6.47
CA VAL D 181 6.66 26.69 7.39
C VAL D 181 7.45 25.42 7.67
N VAL D 182 8.68 25.62 8.13
CA VAL D 182 9.56 24.53 8.50
C VAL D 182 10.40 25.00 9.68
N THR D 183 10.70 24.08 10.59
CA THR D 183 11.60 24.34 11.70
C THR D 183 12.96 23.75 11.38
N VAL D 184 14.01 24.53 11.63
CA VAL D 184 15.39 24.12 11.35
C VAL D 184 16.25 24.57 12.52
N PRO D 185 17.48 24.09 12.65
CA PRO D 185 18.32 24.57 13.75
C PRO D 185 18.70 26.01 13.52
N SER D 186 18.64 26.81 14.59
CA SER D 186 19.00 28.22 14.47
C SER D 186 20.44 28.40 14.02
N SER D 187 21.32 27.44 14.34
CA SER D 187 22.71 27.54 13.92
C SER D 187 22.86 27.52 12.40
N SER D 188 21.88 27.00 11.67
CA SER D 188 21.99 26.87 10.24
C SER D 188 21.63 28.14 9.48
N LEU D 189 21.11 29.16 10.16
CA LEU D 189 20.53 30.30 9.46
C LEU D 189 21.59 31.07 8.68
N GLY D 190 22.79 31.21 9.23
CA GLY D 190 23.83 31.89 8.49
C GLY D 190 24.38 31.09 7.33
N THR D 191 24.31 29.77 7.41
CA THR D 191 25.03 28.90 6.49
C THR D 191 24.19 28.15 5.48
N GLU D 192 22.92 27.86 5.76
CA GLU D 192 22.11 27.04 4.87
C GLU D 192 21.11 27.87 4.06
N THR D 193 21.10 27.64 2.75
CA THR D 193 20.11 28.29 1.92
C THR D 193 18.78 27.55 2.01
N TYR D 194 17.69 28.31 2.10
CA TYR D 194 16.34 27.75 2.22
C TYR D 194 15.47 28.30 1.11
N ILE D 195 14.92 27.41 0.29
CA ILE D 195 14.10 27.82 -0.84
C ILE D 195 12.81 27.03 -0.83
N CYS D 196 11.69 27.74 -0.90
CA CYS D 196 10.41 27.09 -1.08
C CYS D 196 10.06 27.09 -2.56
N ASN D 197 9.51 25.97 -3.00
CA ASN D 197 9.15 25.74 -4.39
C ASN D 197 7.64 25.55 -4.47
N VAL D 198 6.96 26.45 -5.18
CA VAL D 198 5.51 26.42 -5.30
C VAL D 198 5.16 26.00 -6.72
N ASN D 199 4.42 24.90 -6.86
CA ASN D 199 3.88 24.46 -8.13
C ASN D 199 2.39 24.69 -8.13
N HIS D 200 1.91 25.42 -9.12
CA HIS D 200 0.49 25.57 -9.37
C HIS D 200 0.24 25.03 -10.77
N LYS D 201 -0.07 23.74 -10.84
CA LYS D 201 -0.42 23.10 -12.10
C LYS D 201 -1.49 23.84 -12.89
N PRO D 202 -2.64 24.23 -12.32
CA PRO D 202 -3.68 24.84 -13.17
C PRO D 202 -3.21 26.07 -13.94
N SER D 203 -2.21 26.81 -13.46
CA SER D 203 -1.77 28.02 -14.14
C SER D 203 -0.44 27.87 -14.85
N ASN D 204 0.10 26.66 -14.93
CA ASN D 204 1.41 26.40 -15.53
C ASN D 204 2.47 27.33 -14.94
N THR D 205 2.42 27.48 -13.62
CA THR D 205 3.35 28.31 -12.87
C THR D 205 4.13 27.49 -11.87
N LYS D 206 5.43 27.69 -11.84
CA LYS D 206 6.28 27.23 -10.76
C LYS D 206 7.05 28.45 -10.26
N VAL D 207 7.10 28.62 -8.94
CA VAL D 207 7.77 29.77 -8.31
C VAL D 207 8.75 29.25 -7.28
N ASP D 208 9.97 29.78 -7.29
CA ASP D 208 10.96 29.48 -6.26
C ASP D 208 11.28 30.75 -5.51
N LYS D 209 11.26 30.68 -4.18
CA LYS D 209 11.50 31.85 -3.34
C LYS D 209 12.57 31.50 -2.33
N LYS D 210 13.69 32.20 -2.37
CA LYS D 210 14.72 32.07 -1.36
C LYS D 210 14.32 32.86 -0.12
N VAL D 211 14.33 32.22 1.04
CA VAL D 211 13.95 32.85 2.30
C VAL D 211 15.21 33.19 3.09
N GLU D 212 15.41 34.46 3.38
CA GLU D 212 16.63 34.87 4.06
C GLU D 212 16.33 35.36 5.47
N ALA D 213 17.29 35.17 6.37
CA ALA D 213 17.12 35.71 7.70
C ALA D 213 17.01 37.24 7.64
N ALA D 214 16.07 37.80 8.38
CA ALA D 214 15.89 39.26 8.42
C ALA D 214 16.33 39.85 9.77
N ILE E 1 8.75 7.54 11.55
CA ILE E 1 9.58 6.76 12.47
C ILE E 1 10.91 6.34 11.82
N ILE E 2 11.99 6.91 12.33
CA ILE E 2 13.33 6.77 11.77
C ILE E 2 13.98 5.52 12.33
N ASN E 3 14.52 4.68 11.45
CA ASN E 3 15.05 3.39 11.88
C ASN E 3 16.45 3.16 11.34
OH ALY E 4 16.07 4.39 3.33
CH ALY E 4 17.28 4.43 3.64
CH3 ALY E 4 18.29 4.99 2.67
NZ ALY E 4 17.72 3.95 4.87
CE ALY E 4 16.83 3.42 5.87
CD ALY E 4 17.36 2.21 6.66
CG ALY E 4 18.28 2.58 7.81
CB ALY E 4 17.79 3.83 8.46
CA ALY E 4 18.17 4.04 9.93
N ALY E 4 17.02 4.21 10.76
C ALY E 4 19.00 5.29 9.98
O ALY E 4 18.50 6.41 10.04
N LYS E 5 20.31 5.12 9.92
CA LYS E 5 21.16 6.27 9.58
C LYS E 5 21.09 6.48 8.07
N LEU E 6 20.77 7.69 7.63
CA LEU E 6 20.65 7.94 6.20
C LEU E 6 21.94 8.37 5.55
N ASP E 7 22.79 9.09 6.28
CA ASP E 7 24.07 9.53 5.73
C ASP E 7 25.24 8.98 6.54
N ILE F 1 -10.12 -11.31 -1.58
CA ILE F 1 -11.47 -11.54 -1.00
C ILE F 1 -12.49 -10.70 -1.77
N ILE F 2 -13.66 -11.26 -2.06
CA ILE F 2 -14.74 -10.58 -2.84
C ILE F 2 -15.65 -9.87 -1.84
N ASN F 3 -15.90 -8.58 -2.01
CA ASN F 3 -16.68 -7.82 -1.00
C ASN F 3 -17.84 -7.10 -1.65
OH ALY F 4 -15.36 -3.59 -8.62
CH ALY F 4 -16.61 -3.41 -8.64
CH3 ALY F 4 -17.31 -3.16 -9.95
NZ ALY F 4 -17.41 -3.42 -7.51
CE ALY F 4 -16.92 -3.66 -6.19
CD ALY F 4 -17.97 -3.55 -5.07
CG ALY F 4 -18.98 -4.69 -5.04
CB ALY F 4 -18.38 -5.81 -4.25
CA ALY F 4 -19.24 -6.89 -3.56
N ALY F 4 -18.41 -7.67 -2.69
C ALY F 4 -19.85 -7.79 -4.60
O ALY F 4 -19.21 -8.68 -5.14
N LYS F 5 -21.14 -7.59 -4.89
CA LYS F 5 -21.70 -8.20 -6.10
C LYS F 5 -21.29 -7.33 -7.29
N LEU F 6 -21.15 -7.94 -8.47
CA LEU F 6 -20.69 -7.21 -9.67
C LEU F 6 -21.77 -7.04 -10.73
N ASP F 7 -22.79 -7.91 -10.79
CA ASP F 7 -23.86 -7.73 -11.76
C ASP F 7 -25.14 -8.38 -11.22
N LEU F 8 -26.12 -8.52 -12.12
CA LEU F 8 -27.47 -9.02 -11.89
C LEU F 8 -27.99 -8.68 -10.50
#